data_2JXD
#
_entry.id   2JXD
#
_entity_poly.entity_id   1
_entity_poly.type   'polypeptide(L)'
_entity_poly.pdbx_seq_one_letter_code
;PQFGLFSKYRTPNCSQYRLPGCPRHFNPVCGSDMSTYANECTLCMKIREGGHNIKIIRNGPC
;
_entity_poly.pdbx_strand_id   A
#
# COMPACT_ATOMS: atom_id res chain seq x y z
N PRO A 1 -15.29 0.66 11.03
CA PRO A 1 -14.02 0.98 10.38
C PRO A 1 -14.31 1.79 9.16
N GLN A 2 -13.27 2.20 8.46
CA GLN A 2 -13.43 2.95 7.24
C GLN A 2 -13.85 2.03 6.12
N PHE A 3 -15.13 2.08 5.79
CA PHE A 3 -15.77 1.36 4.67
C PHE A 3 -15.86 -0.16 4.89
N GLY A 4 -14.79 -0.75 5.30
CA GLY A 4 -14.75 -2.15 5.56
C GLY A 4 -13.61 -2.78 4.85
N LEU A 5 -13.57 -4.08 4.87
CA LEU A 5 -12.50 -4.81 4.25
C LEU A 5 -13.06 -5.98 3.43
N PHE A 6 -14.37 -6.12 3.45
CA PHE A 6 -15.00 -7.21 2.76
C PHE A 6 -15.25 -6.86 1.29
N SER A 7 -15.17 -5.59 0.98
CA SER A 7 -15.33 -5.14 -0.37
C SER A 7 -13.95 -5.10 -1.03
N LYS A 8 -13.63 -6.16 -1.80
CA LYS A 8 -12.33 -6.37 -2.46
C LYS A 8 -11.31 -6.85 -1.43
N TYR A 9 -10.99 -5.97 -0.52
CA TYR A 9 -10.07 -6.17 0.56
C TYR A 9 -9.97 -4.79 1.20
N ARG A 10 -8.96 -4.51 1.98
CA ARG A 10 -8.89 -3.21 2.55
C ARG A 10 -7.82 -2.42 1.84
N THR A 11 -8.26 -1.50 1.09
CA THR A 11 -7.41 -0.64 0.29
C THR A 11 -6.77 0.49 1.11
N PRO A 12 -5.45 0.71 0.93
CA PRO A 12 -4.72 1.75 1.65
C PRO A 12 -5.06 3.13 1.13
N ASN A 13 -4.94 4.09 2.00
CA ASN A 13 -5.23 5.46 1.65
C ASN A 13 -3.94 6.22 1.47
N CYS A 14 -3.39 6.16 0.29
CA CYS A 14 -2.21 6.92 -0.02
C CYS A 14 -2.64 8.29 -0.50
N SER A 15 -2.88 9.14 0.45
CA SER A 15 -3.27 10.51 0.19
C SER A 15 -2.22 11.40 0.85
N GLN A 16 -1.04 10.85 0.91
CA GLN A 16 0.11 11.42 1.50
C GLN A 16 1.28 10.80 0.80
N TYR A 17 2.45 10.96 1.36
CA TYR A 17 3.72 10.40 0.81
C TYR A 17 4.06 11.16 -0.43
N ARG A 18 3.71 12.39 -0.36
CA ARG A 18 3.77 13.27 -1.47
C ARG A 18 5.13 13.96 -1.53
N LEU A 19 6.13 13.18 -1.84
CA LEU A 19 7.44 13.68 -2.02
C LEU A 19 7.78 13.74 -3.49
N PRO A 20 8.82 14.51 -3.86
CA PRO A 20 9.33 14.54 -5.23
C PRO A 20 10.05 13.23 -5.55
N GLY A 21 10.31 12.49 -4.50
CA GLY A 21 10.94 11.23 -4.59
C GLY A 21 10.49 10.36 -3.45
N CYS A 22 11.40 9.69 -2.83
CA CYS A 22 11.08 8.80 -1.73
C CYS A 22 12.24 8.74 -0.77
N PRO A 23 12.08 9.27 0.44
CA PRO A 23 13.08 9.18 1.47
C PRO A 23 12.77 8.00 2.42
N ARG A 24 13.81 7.53 3.10
CA ARG A 24 13.77 6.43 4.02
C ARG A 24 13.41 5.13 3.34
N HIS A 25 13.45 4.13 4.11
CA HIS A 25 12.97 2.82 3.79
C HIS A 25 12.28 2.24 4.99
N PHE A 26 11.04 1.92 4.80
CA PHE A 26 10.17 1.39 5.82
C PHE A 26 9.01 0.74 5.10
N ASN A 27 8.57 -0.41 5.57
CA ASN A 27 7.49 -1.11 4.92
C ASN A 27 6.46 -1.61 5.98
N PRO A 28 5.57 -0.69 6.43
CA PRO A 28 4.42 -0.98 7.33
C PRO A 28 3.40 -2.01 6.85
N VAL A 29 2.99 -1.92 5.62
CA VAL A 29 1.84 -2.67 5.18
C VAL A 29 2.21 -3.89 4.36
N CYS A 30 1.25 -4.69 4.15
CA CYS A 30 1.43 -5.94 3.55
C CYS A 30 0.68 -5.98 2.27
N GLY A 31 1.28 -6.49 1.29
CA GLY A 31 0.71 -6.50 -0.05
C GLY A 31 -0.04 -7.72 -0.44
N SER A 32 -1.21 -7.53 -1.06
CA SER A 32 -1.96 -8.65 -1.59
C SER A 32 -1.20 -9.24 -2.78
N ASP A 33 -0.44 -8.36 -3.45
CA ASP A 33 0.40 -8.70 -4.61
C ASP A 33 1.75 -9.31 -4.19
N MET A 34 1.84 -9.75 -2.94
CA MET A 34 3.05 -10.38 -2.38
C MET A 34 4.23 -9.41 -2.39
N SER A 35 4.09 -8.38 -1.60
CA SER A 35 5.10 -7.35 -1.44
C SER A 35 4.80 -6.62 -0.14
N THR A 36 5.63 -6.78 0.84
CA THR A 36 5.49 -6.03 2.08
C THR A 36 6.07 -4.62 1.82
N TYR A 37 5.24 -3.60 1.96
CA TYR A 37 5.57 -2.24 1.54
C TYR A 37 4.87 -1.16 2.36
N ALA A 38 5.01 0.12 1.91
CA ALA A 38 4.20 1.33 2.35
C ALA A 38 5.02 2.59 2.19
N ASN A 39 4.88 3.23 1.05
CA ASN A 39 5.50 4.54 0.76
C ASN A 39 5.25 4.91 -0.68
N GLU A 40 5.79 6.05 -1.09
CA GLU A 40 5.61 6.61 -2.42
C GLU A 40 6.25 5.76 -3.52
N CYS A 41 7.15 4.89 -3.15
CA CYS A 41 7.85 4.11 -4.16
C CYS A 41 7.54 2.68 -3.99
N THR A 42 7.00 2.34 -2.85
CA THR A 42 6.54 1.04 -2.72
C THR A 42 5.08 0.98 -3.09
N LEU A 43 4.18 1.65 -2.32
CA LEU A 43 2.76 1.51 -2.75
C LEU A 43 2.40 2.45 -3.66
N CYS A 44 2.65 3.65 -3.39
CA CYS A 44 2.07 4.68 -4.20
C CYS A 44 2.59 4.66 -5.63
N MET A 45 3.76 4.14 -5.81
CA MET A 45 4.29 3.83 -7.11
C MET A 45 3.44 2.70 -7.68
N LYS A 46 3.36 1.62 -6.91
CA LYS A 46 2.60 0.46 -7.24
C LYS A 46 1.13 0.79 -7.43
N ILE A 47 0.61 1.61 -6.58
CA ILE A 47 -0.75 1.77 -6.48
C ILE A 47 -1.34 2.54 -7.65
N ARG A 48 -0.57 3.50 -8.16
CA ARG A 48 -1.06 4.28 -9.23
C ARG A 48 -1.03 3.46 -10.51
N GLU A 49 0.05 2.65 -10.67
CA GLU A 49 0.09 1.61 -11.73
C GLU A 49 1.38 0.83 -11.67
N GLY A 50 2.03 0.86 -10.54
CA GLY A 50 3.23 0.10 -10.43
C GLY A 50 2.87 -1.34 -10.31
N GLY A 51 1.65 -1.61 -9.84
CA GLY A 51 1.17 -2.94 -9.91
C GLY A 51 -0.28 -3.02 -10.33
N HIS A 52 -1.12 -2.54 -9.46
CA HIS A 52 -2.53 -2.69 -9.50
C HIS A 52 -3.05 -1.56 -8.72
N ASN A 53 -4.29 -1.54 -8.47
CA ASN A 53 -4.80 -0.69 -7.44
C ASN A 53 -4.63 -1.51 -6.17
N ILE A 54 -3.50 -1.34 -5.52
CA ILE A 54 -3.14 -2.11 -4.31
C ILE A 54 -4.17 -2.13 -3.22
N LYS A 55 -4.41 -3.33 -2.74
CA LYS A 55 -5.14 -3.57 -1.56
C LYS A 55 -4.15 -4.23 -0.67
N ILE A 56 -3.85 -3.64 0.43
CA ILE A 56 -2.91 -4.25 1.27
C ILE A 56 -3.58 -5.44 1.94
N ILE A 57 -2.85 -6.48 2.13
CA ILE A 57 -3.38 -7.68 2.68
C ILE A 57 -3.49 -7.54 4.17
N ARG A 58 -2.56 -6.86 4.67
CA ARG A 58 -2.51 -6.54 5.99
C ARG A 58 -2.22 -5.08 6.11
N ASN A 59 -3.02 -4.40 6.90
CA ASN A 59 -2.95 -2.95 7.06
C ASN A 59 -1.84 -2.50 7.96
N GLY A 60 -1.08 -3.42 8.46
CA GLY A 60 -0.05 -3.14 9.39
C GLY A 60 0.97 -4.23 9.38
N PRO A 61 1.87 -4.24 10.37
CA PRO A 61 3.03 -5.15 10.45
C PRO A 61 2.76 -6.64 10.14
N CYS A 62 3.69 -7.21 9.42
CA CYS A 62 3.75 -8.60 9.09
C CYS A 62 5.19 -9.04 9.33
N PRO A 1 -14.54 7.29 9.52
CA PRO A 1 -14.70 5.86 9.33
C PRO A 1 -14.46 5.54 7.86
N GLN A 2 -14.77 4.32 7.45
CA GLN A 2 -14.58 3.90 6.07
C GLN A 2 -15.39 2.65 5.86
N PHE A 3 -15.37 2.15 4.65
CA PHE A 3 -15.94 0.89 4.30
C PHE A 3 -15.27 0.44 3.02
N GLY A 4 -14.99 -0.83 2.91
CA GLY A 4 -14.28 -1.36 1.76
C GLY A 4 -15.14 -1.47 0.51
N LEU A 5 -15.70 -0.37 0.11
CA LEU A 5 -16.53 -0.29 -1.08
C LEU A 5 -15.74 0.36 -2.21
N PHE A 6 -14.58 0.89 -1.86
CA PHE A 6 -13.72 1.55 -2.81
C PHE A 6 -12.81 0.55 -3.52
N SER A 7 -12.63 -0.60 -2.92
CA SER A 7 -11.79 -1.62 -3.45
C SER A 7 -12.06 -2.88 -2.65
N LYS A 8 -11.63 -4.00 -3.16
CA LYS A 8 -11.77 -5.24 -2.48
C LYS A 8 -10.56 -5.37 -1.55
N TYR A 9 -10.83 -5.77 -0.30
CA TYR A 9 -9.88 -5.79 0.79
C TYR A 9 -9.61 -4.32 1.16
N ARG A 10 -8.50 -4.01 1.74
CA ARG A 10 -8.25 -2.65 2.06
C ARG A 10 -6.93 -2.18 1.50
N THR A 11 -7.00 -1.08 0.89
CA THR A 11 -5.85 -0.38 0.41
C THR A 11 -5.70 0.90 1.26
N PRO A 12 -4.47 1.36 1.52
CA PRO A 12 -4.26 2.60 2.25
C PRO A 12 -4.52 3.81 1.36
N ASN A 13 -4.61 4.97 1.95
CA ASN A 13 -4.91 6.17 1.19
C ASN A 13 -3.62 6.94 0.93
N CYS A 14 -3.15 6.90 -0.30
CA CYS A 14 -1.87 7.49 -0.67
C CYS A 14 -2.04 8.94 -1.17
N SER A 15 -0.89 9.66 -1.30
CA SER A 15 -0.77 10.99 -1.86
C SER A 15 -1.24 12.08 -0.89
N GLN A 16 -1.37 11.70 0.35
CA GLN A 16 -1.82 12.62 1.39
C GLN A 16 -0.91 12.59 2.58
N TYR A 17 0.26 12.17 2.32
CA TYR A 17 1.28 12.10 3.34
C TYR A 17 2.34 13.11 3.07
N ARG A 18 2.85 13.07 1.84
CA ARG A 18 3.84 14.01 1.32
C ARG A 18 5.25 13.64 1.74
N LEU A 19 6.20 13.97 0.90
CA LEU A 19 7.58 13.58 1.08
C LEU A 19 8.42 14.42 0.10
N PRO A 20 9.73 14.63 0.39
CA PRO A 20 10.62 15.45 -0.48
C PRO A 20 10.79 14.85 -1.88
N GLY A 21 10.54 13.58 -1.99
CA GLY A 21 10.64 12.89 -3.25
C GLY A 21 10.36 11.45 -3.02
N CYS A 22 11.12 10.88 -2.12
CA CYS A 22 11.00 9.52 -1.71
C CYS A 22 11.30 9.41 -0.21
N PRO A 23 10.81 8.35 0.46
CA PRO A 23 10.95 8.18 1.91
C PRO A 23 12.34 7.78 2.32
N ARG A 24 12.64 7.98 3.58
CA ARG A 24 13.91 7.57 4.14
C ARG A 24 13.99 6.04 4.18
N HIS A 25 13.29 5.44 5.14
CA HIS A 25 13.25 4.00 5.30
C HIS A 25 12.15 3.60 6.26
N PHE A 26 11.21 2.79 5.77
CA PHE A 26 10.13 2.22 6.56
C PHE A 26 9.33 1.23 5.73
N ASN A 27 8.57 0.36 6.39
CA ASN A 27 7.83 -0.68 5.72
C ASN A 27 6.65 -1.11 6.64
N PRO A 28 5.57 -0.32 6.61
CA PRO A 28 4.32 -0.61 7.31
C PRO A 28 3.48 -1.77 6.82
N VAL A 29 3.11 -1.77 5.59
CA VAL A 29 2.01 -2.63 5.16
C VAL A 29 2.44 -3.86 4.43
N CYS A 30 1.54 -4.74 4.30
CA CYS A 30 1.83 -6.04 3.86
C CYS A 30 1.20 -6.27 2.50
N GLY A 31 1.95 -6.84 1.64
CA GLY A 31 1.57 -7.15 0.28
C GLY A 31 0.52 -8.23 0.04
N SER A 32 -0.71 -7.83 -0.42
CA SER A 32 -1.66 -8.83 -0.90
C SER A 32 -1.29 -9.18 -2.31
N ASP A 33 -0.81 -8.18 -3.03
CA ASP A 33 -0.40 -8.37 -4.40
C ASP A 33 0.95 -8.94 -4.53
N MET A 34 1.81 -8.76 -3.50
CA MET A 34 3.20 -9.25 -3.65
C MET A 34 4.11 -9.09 -2.41
N SER A 35 4.35 -7.87 -1.94
CA SER A 35 5.44 -7.66 -1.00
C SER A 35 5.03 -6.76 0.13
N THR A 36 5.70 -6.84 1.18
CA THR A 36 5.54 -5.95 2.31
C THR A 36 6.17 -4.59 1.89
N TYR A 37 5.35 -3.56 1.91
CA TYR A 37 5.64 -2.22 1.41
C TYR A 37 4.84 -1.16 2.12
N ALA A 38 4.86 0.10 1.59
CA ALA A 38 3.82 1.14 1.94
C ALA A 38 4.04 2.47 1.28
N ASN A 39 5.29 2.84 1.14
CA ASN A 39 5.67 4.21 0.80
C ASN A 39 5.06 4.78 -0.45
N GLU A 40 5.14 6.10 -0.55
CA GLU A 40 4.68 6.84 -1.71
C GLU A 40 5.72 6.74 -2.85
N CYS A 41 6.55 5.72 -2.74
CA CYS A 41 7.58 5.32 -3.71
C CYS A 41 7.66 3.81 -3.68
N THR A 42 6.77 3.21 -2.91
CA THR A 42 6.74 1.82 -2.83
C THR A 42 5.35 1.35 -3.25
N LEU A 43 4.25 1.62 -2.44
CA LEU A 43 2.94 1.22 -3.05
C LEU A 43 2.59 2.12 -4.04
N CYS A 44 2.76 3.33 -3.78
CA CYS A 44 2.28 4.34 -4.66
C CYS A 44 2.89 4.29 -6.07
N MET A 45 4.05 3.70 -6.21
CA MET A 45 4.60 3.48 -7.54
C MET A 45 3.87 2.31 -8.13
N LYS A 46 3.66 1.32 -7.29
CA LYS A 46 2.81 0.17 -7.62
C LYS A 46 1.37 0.57 -7.90
N ILE A 47 0.82 1.40 -7.06
CA ILE A 47 -0.53 1.61 -7.09
C ILE A 47 -0.92 2.47 -8.32
N ARG A 48 -0.04 3.42 -8.64
CA ARG A 48 -0.28 4.35 -9.71
C ARG A 48 0.18 3.81 -11.04
N GLU A 49 1.31 3.13 -11.04
CA GLU A 49 1.84 2.68 -12.30
C GLU A 49 2.39 1.27 -12.25
N GLY A 50 2.05 0.57 -11.19
CA GLY A 50 2.31 -0.83 -11.14
C GLY A 50 1.14 -1.47 -11.81
N GLY A 51 -0.04 -0.93 -11.52
CA GLY A 51 -1.20 -1.27 -12.32
C GLY A 51 -2.21 -2.06 -11.59
N HIS A 52 -2.19 -1.95 -10.31
CA HIS A 52 -3.10 -2.64 -9.46
C HIS A 52 -3.40 -1.67 -8.39
N ASN A 53 -4.59 -1.65 -7.92
CA ASN A 53 -4.80 -0.89 -6.74
C ASN A 53 -4.52 -1.79 -5.56
N ILE A 54 -3.23 -1.83 -5.20
CA ILE A 54 -2.72 -2.71 -4.17
C ILE A 54 -3.52 -2.65 -2.92
N LYS A 55 -3.86 -3.80 -2.45
CA LYS A 55 -4.53 -3.94 -1.26
C LYS A 55 -3.53 -4.54 -0.37
N ILE A 56 -3.51 -4.12 0.80
CA ILE A 56 -2.55 -4.61 1.66
C ILE A 56 -3.13 -5.79 2.40
N ILE A 57 -2.35 -6.80 2.60
CA ILE A 57 -2.83 -7.99 3.23
C ILE A 57 -2.91 -7.78 4.68
N ARG A 58 -2.05 -6.96 5.11
CA ARG A 58 -1.98 -6.49 6.43
C ARG A 58 -1.63 -5.05 6.48
N ASN A 59 -2.16 -4.42 7.45
CA ASN A 59 -2.20 -2.99 7.58
C ASN A 59 -1.03 -2.44 8.39
N GLY A 60 -0.08 -3.28 8.66
CA GLY A 60 1.05 -2.91 9.47
C GLY A 60 1.64 -4.15 10.07
N PRO A 61 1.02 -4.70 11.10
CA PRO A 61 1.43 -5.97 11.64
C PRO A 61 0.97 -7.09 10.72
N CYS A 62 1.90 -7.65 9.97
CA CYS A 62 1.61 -8.77 9.10
C CYS A 62 1.28 -9.96 9.99
N PRO A 1 -12.80 -2.18 2.49
CA PRO A 1 -13.24 -1.30 3.54
C PRO A 1 -12.65 -1.78 4.84
N GLN A 2 -12.81 -0.99 5.90
CA GLN A 2 -12.31 -1.34 7.21
C GLN A 2 -13.02 -2.57 7.70
N PHE A 3 -12.25 -3.61 8.02
CA PHE A 3 -12.74 -4.93 8.46
C PHE A 3 -13.37 -5.72 7.29
N GLY A 4 -14.13 -5.02 6.47
CA GLY A 4 -14.73 -5.59 5.30
C GLY A 4 -13.70 -5.85 4.24
N LEU A 5 -13.02 -6.96 4.37
CA LEU A 5 -11.96 -7.36 3.47
C LEU A 5 -12.56 -8.02 2.23
N PHE A 6 -13.84 -8.32 2.28
CA PHE A 6 -14.51 -9.04 1.20
C PHE A 6 -14.59 -8.19 -0.04
N SER A 7 -14.79 -6.91 0.14
CA SER A 7 -14.84 -6.01 -0.94
C SER A 7 -13.45 -5.43 -1.20
N LYS A 8 -12.69 -6.11 -2.06
CA LYS A 8 -11.34 -5.69 -2.52
C LYS A 8 -10.34 -5.29 -1.42
N TYR A 9 -10.50 -5.92 -0.25
CA TYR A 9 -9.64 -5.77 0.90
C TYR A 9 -9.66 -4.34 1.44
N ARG A 10 -8.67 -4.00 2.20
CA ARG A 10 -8.57 -2.72 2.73
C ARG A 10 -7.42 -2.06 2.02
N THR A 11 -7.71 -1.07 1.27
CA THR A 11 -6.70 -0.39 0.50
C THR A 11 -6.06 0.74 1.32
N PRO A 12 -4.73 0.81 1.33
CA PRO A 12 -4.00 1.80 2.10
C PRO A 12 -4.16 3.20 1.55
N ASN A 13 -4.44 4.12 2.43
CA ASN A 13 -4.53 5.51 2.07
C ASN A 13 -3.13 6.07 2.08
N CYS A 14 -2.66 6.47 0.94
CA CYS A 14 -1.28 6.95 0.74
C CYS A 14 -1.07 8.31 1.45
N SER A 15 -2.18 8.99 1.77
CA SER A 15 -2.16 10.27 2.45
C SER A 15 -1.33 10.23 3.74
N GLN A 16 -1.65 9.33 4.65
CA GLN A 16 -0.86 9.23 5.87
C GLN A 16 0.24 8.26 5.71
N TYR A 17 1.40 8.79 5.32
CA TYR A 17 2.75 8.18 5.31
C TYR A 17 3.71 9.28 4.97
N ARG A 18 4.67 9.51 5.82
CA ARG A 18 5.54 10.62 5.63
C ARG A 18 6.72 10.27 4.78
N LEU A 19 7.21 11.27 4.06
CA LEU A 19 8.21 11.17 3.01
C LEU A 19 7.56 10.77 1.71
N PRO A 20 7.34 11.76 0.81
CA PRO A 20 6.79 11.51 -0.52
C PRO A 20 7.88 11.05 -1.45
N GLY A 21 9.03 10.83 -0.86
CA GLY A 21 10.11 10.33 -1.57
C GLY A 21 10.13 8.84 -1.51
N CYS A 22 11.28 8.32 -1.36
CA CYS A 22 11.48 6.91 -1.44
C CYS A 22 11.78 6.36 -0.06
N PRO A 23 11.67 5.02 0.16
CA PRO A 23 11.82 4.42 1.48
C PRO A 23 13.13 4.74 2.17
N ARG A 24 13.00 4.75 3.42
CA ARG A 24 13.96 5.05 4.39
C ARG A 24 14.25 3.76 5.17
N HIS A 25 13.67 2.68 4.62
CA HIS A 25 13.64 1.33 5.18
C HIS A 25 12.54 1.17 6.18
N PHE A 26 11.35 1.14 5.67
CA PHE A 26 10.16 0.91 6.43
C PHE A 26 9.14 0.34 5.51
N ASN A 27 8.42 -0.67 5.96
CA ASN A 27 7.38 -1.28 5.17
C ASN A 27 6.21 -1.63 6.12
N PRO A 28 5.38 -0.60 6.43
CA PRO A 28 4.17 -0.73 7.24
C PRO A 28 3.20 -1.82 6.83
N VAL A 29 2.86 -1.89 5.58
CA VAL A 29 1.77 -2.72 5.17
C VAL A 29 2.21 -3.98 4.48
N CYS A 30 1.28 -4.88 4.37
CA CYS A 30 1.52 -6.17 3.86
C CYS A 30 0.85 -6.32 2.53
N GLY A 31 1.62 -6.67 1.59
CA GLY A 31 1.20 -6.84 0.25
C GLY A 31 0.20 -7.94 0.01
N SER A 32 -0.99 -7.57 -0.46
CA SER A 32 -1.98 -8.57 -0.85
C SER A 32 -1.55 -9.09 -2.21
N ASP A 33 -0.97 -8.18 -2.99
CA ASP A 33 -0.47 -8.47 -4.33
C ASP A 33 0.96 -8.98 -4.28
N MET A 34 1.32 -9.56 -3.13
CA MET A 34 2.63 -10.19 -2.87
C MET A 34 3.79 -9.19 -2.90
N SER A 35 3.88 -8.39 -1.85
CA SER A 35 4.89 -7.34 -1.63
C SER A 35 4.65 -6.63 -0.27
N THR A 36 5.39 -6.93 0.74
CA THR A 36 5.32 -6.16 2.01
C THR A 36 6.00 -4.78 1.80
N TYR A 37 5.21 -3.71 1.91
CA TYR A 37 5.60 -2.35 1.51
C TYR A 37 4.91 -1.25 2.29
N ALA A 38 5.15 0.01 1.81
CA ALA A 38 4.36 1.25 2.12
C ALA A 38 5.21 2.47 1.99
N ASN A 39 5.30 3.00 0.80
CA ASN A 39 6.09 4.20 0.55
C ASN A 39 5.49 4.88 -0.61
N GLU A 40 5.88 6.09 -0.89
CA GLU A 40 5.36 6.79 -2.04
C GLU A 40 6.04 6.18 -3.30
N CYS A 41 7.18 5.57 -3.05
CA CYS A 41 8.01 5.02 -4.12
C CYS A 41 7.80 3.56 -4.21
N THR A 42 7.16 3.04 -3.20
CA THR A 42 6.88 1.68 -3.20
C THR A 42 5.43 1.48 -3.50
N LEU A 43 4.53 2.00 -2.64
CA LEU A 43 3.11 1.77 -3.00
C LEU A 43 2.66 2.75 -3.89
N CYS A 44 2.90 3.93 -3.63
CA CYS A 44 2.22 4.93 -4.38
C CYS A 44 2.63 4.99 -5.86
N MET A 45 3.78 4.44 -6.17
CA MET A 45 4.13 4.13 -7.54
C MET A 45 3.25 2.99 -7.97
N LYS A 46 3.38 1.90 -7.22
CA LYS A 46 2.63 0.69 -7.37
C LYS A 46 1.15 0.93 -7.52
N ILE A 47 0.61 1.68 -6.60
CA ILE A 47 -0.75 1.78 -6.47
C ILE A 47 -1.34 2.62 -7.59
N ARG A 48 -0.57 3.63 -8.00
CA ARG A 48 -0.98 4.54 -9.03
C ARG A 48 -0.94 3.83 -10.37
N GLU A 49 0.12 3.04 -10.57
CA GLU A 49 0.30 2.30 -11.82
C GLU A 49 1.55 1.45 -11.85
N GLY A 50 1.94 0.87 -10.72
CA GLY A 50 3.02 -0.09 -10.80
C GLY A 50 2.47 -1.33 -11.43
N GLY A 51 1.16 -1.39 -11.46
CA GLY A 51 0.48 -2.40 -12.17
C GLY A 51 -0.54 -3.07 -11.35
N HIS A 52 -0.90 -2.49 -10.21
CA HIS A 52 -1.80 -3.17 -9.35
C HIS A 52 -2.53 -2.19 -8.58
N ASN A 53 -3.71 -2.49 -8.28
CA ASN A 53 -4.45 -1.70 -7.38
C ASN A 53 -4.14 -2.29 -6.03
N ILE A 54 -3.21 -1.70 -5.34
CA ILE A 54 -2.80 -2.19 -4.07
C ILE A 54 -3.89 -2.26 -3.06
N LYS A 55 -4.04 -3.42 -2.57
CA LYS A 55 -4.85 -3.77 -1.53
C LYS A 55 -3.88 -4.47 -0.64
N ILE A 56 -4.01 -4.35 0.60
CA ILE A 56 -3.07 -4.93 1.43
C ILE A 56 -3.67 -6.04 2.16
N ILE A 57 -2.86 -7.00 2.46
CA ILE A 57 -3.34 -8.15 3.13
C ILE A 57 -3.42 -7.83 4.59
N ARG A 58 -2.43 -7.15 5.02
CA ARG A 58 -2.36 -6.64 6.30
C ARG A 58 -2.04 -5.21 6.30
N ASN A 59 -2.77 -4.55 7.12
CA ASN A 59 -2.80 -3.13 7.22
C ASN A 59 -1.63 -2.57 8.00
N GLY A 60 -0.86 -3.44 8.57
CA GLY A 60 0.22 -3.04 9.38
C GLY A 60 1.19 -4.16 9.55
N PRO A 61 1.91 -4.21 10.66
CA PRO A 61 2.92 -5.25 10.92
C PRO A 61 2.34 -6.66 10.88
N CYS A 62 2.89 -7.48 10.00
CA CYS A 62 2.55 -8.88 9.93
C CYS A 62 3.46 -9.66 10.86
N PRO A 1 -14.61 -1.93 3.77
CA PRO A 1 -13.43 -1.91 2.95
C PRO A 1 -13.47 -0.67 2.08
N GLN A 2 -12.44 -0.44 1.31
CA GLN A 2 -12.36 0.75 0.52
C GLN A 2 -12.83 0.51 -0.91
N PHE A 3 -12.14 -0.36 -1.62
CA PHE A 3 -12.43 -0.55 -3.03
C PHE A 3 -11.99 -1.94 -3.48
N GLY A 4 -12.62 -2.42 -4.52
CA GLY A 4 -12.32 -3.72 -5.08
C GLY A 4 -13.62 -4.45 -5.41
N LEU A 5 -13.53 -5.52 -6.15
CA LEU A 5 -14.71 -6.29 -6.47
C LEU A 5 -14.72 -7.61 -5.77
N PHE A 6 -15.92 -7.98 -5.33
CA PHE A 6 -16.22 -9.28 -4.70
C PHE A 6 -15.67 -9.37 -3.28
N SER A 7 -14.38 -9.27 -3.17
CA SER A 7 -13.72 -9.31 -1.92
C SER A 7 -13.67 -7.91 -1.33
N LYS A 8 -13.01 -7.02 -2.07
CA LYS A 8 -12.72 -5.62 -1.75
C LYS A 8 -12.01 -5.43 -0.44
N TYR A 9 -10.94 -4.72 -0.52
CA TYR A 9 -10.09 -4.55 0.58
C TYR A 9 -9.77 -3.06 0.71
N ARG A 10 -8.61 -2.71 1.21
CA ARG A 10 -8.28 -1.35 1.42
C ARG A 10 -6.80 -1.14 1.18
N THR A 11 -6.46 0.02 0.76
CA THR A 11 -5.10 0.44 0.60
C THR A 11 -4.92 1.74 1.41
N PRO A 12 -3.74 1.97 2.00
CA PRO A 12 -3.44 3.24 2.62
C PRO A 12 -3.13 4.27 1.54
N ASN A 13 -3.29 5.52 1.85
CA ASN A 13 -3.07 6.55 0.88
C ASN A 13 -1.72 7.17 1.16
N CYS A 14 -0.74 6.69 0.46
CA CYS A 14 0.63 7.12 0.57
C CYS A 14 0.92 8.42 -0.18
N SER A 15 -0.08 9.26 -0.26
CA SER A 15 0.04 10.53 -0.92
C SER A 15 0.01 11.65 0.14
N GLN A 16 0.54 11.33 1.29
CA GLN A 16 0.49 12.21 2.45
C GLN A 16 1.89 12.52 2.95
N TYR A 17 2.77 12.50 2.03
CA TYR A 17 4.17 12.72 2.30
C TYR A 17 4.59 14.14 1.95
N ARG A 18 5.19 14.81 2.92
CA ARG A 18 5.61 16.20 2.76
C ARG A 18 6.95 16.37 2.06
N LEU A 19 7.48 15.31 1.57
CA LEU A 19 8.68 15.32 0.84
C LEU A 19 8.29 14.91 -0.58
N PRO A 20 8.92 15.48 -1.64
CA PRO A 20 8.61 15.07 -3.04
C PRO A 20 8.81 13.57 -3.27
N GLY A 21 9.68 12.98 -2.49
CA GLY A 21 9.90 11.56 -2.54
C GLY A 21 9.33 10.89 -1.31
N CYS A 22 10.19 10.23 -0.57
CA CYS A 22 9.79 9.49 0.60
C CYS A 22 10.86 9.59 1.68
N PRO A 23 10.52 10.08 2.86
CA PRO A 23 11.44 10.09 3.98
C PRO A 23 11.36 8.76 4.76
N ARG A 24 12.52 8.20 5.01
CA ARG A 24 12.71 6.91 5.67
C ARG A 24 12.29 5.72 4.83
N HIS A 25 13.02 4.66 4.95
CA HIS A 25 12.71 3.41 4.28
C HIS A 25 12.15 2.42 5.25
N PHE A 26 10.87 2.22 5.17
CA PHE A 26 10.15 1.33 6.03
C PHE A 26 9.07 0.62 5.24
N ASN A 27 8.67 -0.55 5.68
CA ASN A 27 7.61 -1.27 5.03
C ASN A 27 6.55 -1.64 6.09
N PRO A 28 5.68 -0.70 6.45
CA PRO A 28 4.58 -0.93 7.40
C PRO A 28 3.55 -1.96 6.97
N VAL A 29 3.12 -1.92 5.75
CA VAL A 29 1.95 -2.66 5.36
C VAL A 29 2.28 -3.91 4.58
N CYS A 30 1.28 -4.68 4.39
CA CYS A 30 1.45 -5.98 3.87
C CYS A 30 0.83 -6.07 2.51
N GLY A 31 1.57 -6.56 1.61
CA GLY A 31 1.17 -6.75 0.24
C GLY A 31 0.03 -7.74 0.01
N SER A 32 -1.14 -7.26 -0.45
CA SER A 32 -2.25 -8.17 -0.81
C SER A 32 -1.97 -8.67 -2.22
N ASP A 33 -1.21 -7.88 -2.94
CA ASP A 33 -0.79 -8.18 -4.29
C ASP A 33 0.63 -8.70 -4.27
N MET A 34 1.01 -9.25 -3.12
CA MET A 34 2.31 -9.87 -2.84
C MET A 34 3.44 -8.85 -2.99
N SER A 35 3.73 -8.14 -1.88
CA SER A 35 4.78 -7.08 -1.72
C SER A 35 4.65 -6.39 -0.33
N THR A 36 5.56 -6.61 0.52
CA THR A 36 5.64 -5.87 1.81
C THR A 36 6.14 -4.42 1.55
N TYR A 37 5.29 -3.43 1.85
CA TYR A 37 5.51 -2.03 1.48
C TYR A 37 4.82 -1.04 2.41
N ALA A 38 4.85 0.27 2.00
CA ALA A 38 4.00 1.41 2.50
C ALA A 38 4.76 2.70 2.42
N ASN A 39 4.49 3.44 1.37
CA ASN A 39 5.00 4.79 1.13
C ASN A 39 4.71 5.20 -0.28
N GLU A 40 4.99 6.43 -0.63
CA GLU A 40 4.72 6.99 -1.96
C GLU A 40 5.55 6.25 -3.03
N CYS A 41 6.61 5.64 -2.58
CA CYS A 41 7.62 5.09 -3.45
C CYS A 41 7.47 3.60 -3.48
N THR A 42 6.80 3.06 -2.48
CA THR A 42 6.47 1.72 -2.53
C THR A 42 5.07 1.55 -3.03
N LEU A 43 4.03 2.05 -2.30
CA LEU A 43 2.67 1.75 -2.85
C LEU A 43 2.37 2.61 -3.91
N CYS A 44 2.41 3.86 -3.70
CA CYS A 44 1.91 4.80 -4.69
C CYS A 44 2.53 4.67 -6.09
N MET A 45 3.72 4.14 -6.15
CA MET A 45 4.30 3.76 -7.42
C MET A 45 3.53 2.56 -7.93
N LYS A 46 3.52 1.52 -7.10
CA LYS A 46 2.76 0.28 -7.37
C LYS A 46 1.32 0.58 -7.64
N ILE A 47 0.75 1.44 -6.86
CA ILE A 47 -0.61 1.53 -6.85
C ILE A 47 -1.15 2.21 -8.10
N ARG A 48 -0.35 3.17 -8.61
CA ARG A 48 -0.73 3.94 -9.76
C ARG A 48 -0.78 3.01 -10.94
N GLU A 49 0.20 2.08 -10.98
CA GLU A 49 0.22 0.93 -11.92
C GLU A 49 1.55 0.24 -11.87
N GLY A 50 2.25 0.41 -10.76
CA GLY A 50 3.50 -0.26 -10.61
C GLY A 50 3.22 -1.71 -10.37
N GLY A 51 2.02 -2.00 -9.87
CA GLY A 51 1.63 -3.35 -9.85
C GLY A 51 0.23 -3.53 -10.35
N HIS A 52 -0.67 -3.07 -9.57
CA HIS A 52 -2.05 -3.30 -9.72
C HIS A 52 -2.63 -2.15 -8.98
N ASN A 53 -3.89 -2.11 -8.80
CA ASN A 53 -4.45 -1.17 -7.88
C ASN A 53 -4.35 -1.83 -6.48
N ILE A 54 -3.23 -1.56 -5.82
CA ILE A 54 -2.87 -2.10 -4.50
C ILE A 54 -3.92 -1.93 -3.44
N LYS A 55 -4.05 -3.00 -2.70
CA LYS A 55 -4.71 -3.04 -1.49
C LYS A 55 -3.77 -3.77 -0.61
N ILE A 56 -3.72 -3.45 0.61
CA ILE A 56 -2.85 -4.12 1.45
C ILE A 56 -3.58 -5.28 2.09
N ILE A 57 -2.88 -6.25 2.55
CA ILE A 57 -3.52 -7.39 3.16
C ILE A 57 -3.49 -7.27 4.64
N ARG A 58 -2.60 -6.48 5.07
CA ARG A 58 -2.46 -6.18 6.42
C ARG A 58 -1.97 -4.73 6.57
N ASN A 59 -2.61 -3.97 7.47
CA ASN A 59 -2.28 -2.54 7.75
C ASN A 59 -0.99 -2.41 8.56
N GLY A 60 -0.38 -3.52 8.78
CA GLY A 60 0.84 -3.59 9.50
C GLY A 60 1.56 -4.84 9.07
N PRO A 61 2.72 -5.15 9.67
CA PRO A 61 3.54 -6.30 9.29
C PRO A 61 2.82 -7.64 9.43
N CYS A 62 3.19 -8.56 8.61
CA CYS A 62 2.72 -9.91 8.67
C CYS A 62 3.88 -10.73 9.19
N PRO A 1 -11.95 4.00 6.20
CA PRO A 1 -12.58 2.99 7.01
C PRO A 1 -12.66 1.73 6.20
N GLN A 2 -13.09 0.66 6.81
CA GLN A 2 -13.24 -0.58 6.13
C GLN A 2 -14.59 -0.56 5.44
N PHE A 3 -14.58 -0.72 4.15
CA PHE A 3 -15.82 -0.82 3.39
C PHE A 3 -15.62 -1.83 2.29
N GLY A 4 -14.43 -1.84 1.73
CA GLY A 4 -14.06 -2.81 0.75
C GLY A 4 -13.76 -4.15 1.40
N LEU A 5 -14.77 -4.86 1.76
CA LEU A 5 -14.62 -6.16 2.29
C LEU A 5 -14.92 -7.14 1.20
N PHE A 6 -14.09 -8.16 1.12
CA PHE A 6 -14.21 -9.25 0.15
C PHE A 6 -13.78 -8.84 -1.26
N SER A 7 -13.32 -9.84 -2.00
CA SER A 7 -12.93 -9.75 -3.41
C SER A 7 -11.77 -8.78 -3.66
N LYS A 8 -12.07 -7.50 -3.80
CA LYS A 8 -11.08 -6.50 -4.14
C LYS A 8 -10.31 -6.00 -2.93
N TYR A 9 -10.79 -6.38 -1.72
CA TYR A 9 -10.20 -5.99 -0.46
C TYR A 9 -10.33 -4.47 -0.33
N ARG A 10 -9.51 -3.86 0.47
CA ARG A 10 -9.56 -2.48 0.65
C ARG A 10 -8.18 -1.94 0.42
N THR A 11 -8.11 -0.83 -0.17
CA THR A 11 -6.89 -0.25 -0.58
C THR A 11 -6.38 0.86 0.34
N PRO A 12 -5.04 0.96 0.44
CA PRO A 12 -4.39 2.06 1.13
C PRO A 12 -4.31 3.28 0.21
N ASN A 13 -4.97 4.31 0.58
CA ASN A 13 -4.95 5.50 -0.25
C ASN A 13 -3.70 6.28 0.11
N CYS A 14 -2.89 6.56 -0.88
CA CYS A 14 -1.67 7.26 -0.68
C CYS A 14 -1.85 8.77 -0.55
N SER A 15 -3.07 9.18 -0.27
CA SER A 15 -3.36 10.56 0.01
C SER A 15 -2.86 10.88 1.43
N GLN A 16 -2.64 9.83 2.22
CA GLN A 16 -2.10 9.97 3.59
C GLN A 16 -0.63 9.62 3.60
N TYR A 17 -0.07 9.71 2.48
CA TYR A 17 1.32 9.42 2.27
C TYR A 17 2.08 10.67 1.97
N ARG A 18 2.91 11.07 2.88
CA ARG A 18 3.75 12.21 2.66
C ARG A 18 5.18 11.82 2.92
N LEU A 19 5.73 11.13 2.00
CA LEU A 19 7.07 10.67 2.05
C LEU A 19 7.93 11.57 1.22
N PRO A 20 9.26 11.39 1.23
CA PRO A 20 10.13 12.04 0.25
C PRO A 20 10.08 11.27 -1.08
N GLY A 21 9.14 10.35 -1.14
CA GLY A 21 8.91 9.52 -2.24
C GLY A 21 9.12 8.09 -1.83
N CYS A 22 10.34 7.75 -1.72
CA CYS A 22 10.74 6.40 -1.40
C CYS A 22 11.01 6.35 0.12
N PRO A 23 11.23 5.16 0.72
CA PRO A 23 11.46 5.08 2.14
C PRO A 23 12.95 5.17 2.50
N ARG A 24 13.24 5.55 3.72
CA ARG A 24 14.60 5.46 4.22
C ARG A 24 14.93 4.01 4.32
N HIS A 25 14.19 3.32 5.18
CA HIS A 25 14.24 1.87 5.26
C HIS A 25 13.13 1.37 6.17
N PHE A 26 11.98 1.06 5.58
CA PHE A 26 10.81 0.59 6.33
C PHE A 26 9.73 0.14 5.36
N ASN A 27 8.95 -0.86 5.77
CA ASN A 27 7.81 -1.32 4.98
C ASN A 27 6.68 -1.78 5.94
N PRO A 28 5.91 -0.79 6.48
CA PRO A 28 4.74 -0.99 7.36
C PRO A 28 3.66 -1.98 6.92
N VAL A 29 3.26 -1.93 5.70
CA VAL A 29 2.06 -2.65 5.28
C VAL A 29 2.36 -3.90 4.49
N CYS A 30 1.38 -4.72 4.36
CA CYS A 30 1.54 -6.02 3.79
C CYS A 30 0.95 -6.11 2.43
N GLY A 31 1.74 -6.54 1.54
CA GLY A 31 1.36 -6.79 0.17
C GLY A 31 0.34 -7.87 -0.02
N SER A 32 -0.86 -7.54 -0.56
CA SER A 32 -1.77 -8.59 -0.94
C SER A 32 -1.17 -9.18 -2.21
N ASP A 33 -0.56 -8.24 -3.00
CA ASP A 33 0.13 -8.51 -4.25
C ASP A 33 1.56 -8.97 -4.01
N MET A 34 1.73 -9.74 -2.93
CA MET A 34 2.96 -10.48 -2.60
C MET A 34 4.17 -9.62 -2.20
N SER A 35 3.98 -8.36 -1.88
CA SER A 35 5.09 -7.51 -1.50
C SER A 35 4.79 -6.70 -0.24
N THR A 36 5.51 -6.94 0.79
CA THR A 36 5.42 -6.13 2.01
C THR A 36 6.11 -4.77 1.75
N TYR A 37 5.34 -3.70 1.92
CA TYR A 37 5.70 -2.36 1.49
C TYR A 37 5.09 -1.26 2.34
N ALA A 38 5.28 0.01 1.89
CA ALA A 38 4.53 1.25 2.33
C ALA A 38 5.37 2.47 2.08
N ASN A 39 4.98 3.23 1.07
CA ASN A 39 5.57 4.53 0.71
C ASN A 39 5.12 4.93 -0.67
N GLU A 40 5.64 6.01 -1.18
CA GLU A 40 5.20 6.54 -2.45
C GLU A 40 5.95 5.93 -3.64
N CYS A 41 6.96 5.16 -3.37
CA CYS A 41 7.68 4.51 -4.46
C CYS A 41 7.36 3.08 -4.43
N THR A 42 7.10 2.60 -3.26
CA THR A 42 6.72 1.28 -3.17
C THR A 42 5.20 1.19 -3.35
N LEU A 43 4.34 1.79 -2.47
CA LEU A 43 2.90 1.61 -2.83
C LEU A 43 2.45 2.59 -3.76
N CYS A 44 2.50 3.84 -3.43
CA CYS A 44 1.82 4.86 -4.29
C CYS A 44 2.28 4.84 -5.77
N MET A 45 3.50 4.44 -5.99
CA MET A 45 3.99 4.17 -7.32
C MET A 45 3.19 2.97 -7.84
N LYS A 46 3.28 1.86 -7.10
CA LYS A 46 2.52 0.65 -7.38
C LYS A 46 1.04 0.90 -7.46
N ILE A 47 0.50 1.66 -6.54
CA ILE A 47 -0.88 1.68 -6.36
C ILE A 47 -1.58 2.44 -7.48
N ARG A 48 -0.91 3.51 -7.96
CA ARG A 48 -1.49 4.28 -9.03
C ARG A 48 -1.56 3.44 -10.27
N GLU A 49 -0.52 2.63 -10.50
CA GLU A 49 -0.52 1.53 -11.50
C GLU A 49 0.88 0.99 -11.67
N GLY A 50 1.69 1.13 -10.65
CA GLY A 50 3.01 0.59 -10.70
C GLY A 50 2.91 -0.89 -10.57
N GLY A 51 1.85 -1.36 -9.89
CA GLY A 51 1.62 -2.76 -9.89
C GLY A 51 0.23 -3.09 -10.35
N HIS A 52 -0.69 -2.76 -9.53
CA HIS A 52 -2.09 -3.03 -9.65
C HIS A 52 -2.70 -1.94 -8.86
N ASN A 53 -3.95 -1.97 -8.63
CA ASN A 53 -4.48 -1.11 -7.59
C ASN A 53 -4.27 -1.84 -6.27
N ILE A 54 -3.06 -1.67 -5.70
CA ILE A 54 -2.64 -2.36 -4.48
C ILE A 54 -3.63 -2.29 -3.36
N LYS A 55 -3.88 -3.42 -2.79
CA LYS A 55 -4.60 -3.53 -1.61
C LYS A 55 -3.65 -4.14 -0.67
N ILE A 56 -3.52 -3.61 0.47
CA ILE A 56 -2.64 -4.22 1.36
C ILE A 56 -3.37 -5.33 2.04
N ILE A 57 -2.73 -6.42 2.25
CA ILE A 57 -3.37 -7.54 2.87
C ILE A 57 -3.49 -7.26 4.33
N ARG A 58 -2.48 -6.66 4.79
CA ARG A 58 -2.39 -6.18 6.07
C ARG A 58 -2.00 -4.76 6.10
N ASN A 59 -2.69 -4.08 6.94
CA ASN A 59 -2.63 -2.67 7.14
C ASN A 59 -1.41 -2.26 7.97
N GLY A 60 -0.69 -3.23 8.39
CA GLY A 60 0.45 -3.07 9.20
C GLY A 60 1.16 -4.35 9.21
N PRO A 61 2.09 -4.59 10.15
CA PRO A 61 2.85 -5.84 10.25
C PRO A 61 1.95 -7.07 10.15
N CYS A 62 2.28 -7.94 9.22
CA CYS A 62 1.56 -9.17 8.97
C CYS A 62 1.52 -9.99 10.26
N PRO A 1 -12.22 3.46 10.81
CA PRO A 1 -11.78 3.55 9.45
C PRO A 1 -12.68 2.70 8.59
N GLN A 2 -12.67 2.96 7.29
CA GLN A 2 -13.49 2.27 6.27
C GLN A 2 -15.01 2.34 6.45
N PHE A 3 -15.57 1.66 7.47
CA PHE A 3 -17.03 1.63 7.73
C PHE A 3 -17.76 1.04 6.50
N GLY A 4 -17.15 0.05 5.91
CA GLY A 4 -17.70 -0.59 4.75
C GLY A 4 -16.65 -0.73 3.69
N LEU A 5 -16.82 -1.70 2.83
CA LEU A 5 -15.86 -1.89 1.79
C LEU A 5 -16.31 -1.32 0.49
N PHE A 6 -15.41 -0.60 -0.10
CA PHE A 6 -15.62 0.01 -1.40
C PHE A 6 -14.90 -0.79 -2.45
N SER A 7 -13.74 -1.28 -2.09
CA SER A 7 -12.95 -2.09 -2.97
C SER A 7 -13.17 -3.57 -2.60
N LYS A 8 -12.42 -4.47 -3.23
CA LYS A 8 -12.49 -5.92 -2.88
C LYS A 8 -11.99 -6.10 -1.43
N TYR A 9 -11.07 -5.27 -1.06
CA TYR A 9 -10.50 -5.22 0.22
C TYR A 9 -10.55 -3.74 0.61
N ARG A 10 -9.72 -3.33 1.50
CA ARG A 10 -9.64 -1.96 1.82
C ARG A 10 -8.24 -1.56 1.46
N THR A 11 -8.13 -0.66 0.61
CA THR A 11 -6.87 -0.28 0.09
C THR A 11 -6.24 0.84 0.94
N PRO A 12 -4.90 0.94 0.93
CA PRO A 12 -4.17 1.93 1.72
C PRO A 12 -4.55 3.35 1.33
N ASN A 13 -4.47 4.22 2.29
CA ASN A 13 -4.76 5.61 2.06
C ASN A 13 -3.45 6.33 1.91
N CYS A 14 -3.09 6.63 0.68
CA CYS A 14 -1.84 7.30 0.39
C CYS A 14 -2.01 8.81 0.67
N SER A 15 -2.04 9.11 1.94
CA SER A 15 -2.13 10.45 2.47
C SER A 15 -1.31 10.43 3.74
N GLN A 16 -0.41 9.50 3.74
CA GLN A 16 0.40 9.15 4.81
C GLN A 16 1.74 8.90 4.17
N TYR A 17 2.75 8.69 4.99
CA TYR A 17 4.11 8.38 4.59
C TYR A 17 4.81 9.62 4.12
N ARG A 18 5.47 10.28 5.02
CA ARG A 18 6.19 11.45 4.66
C ARG A 18 7.62 11.03 4.38
N LEU A 19 7.90 10.76 3.15
CA LEU A 19 9.21 10.36 2.73
C LEU A 19 10.07 11.57 2.41
N PRO A 20 11.40 11.38 2.40
CA PRO A 20 12.34 12.43 1.94
C PRO A 20 12.37 12.47 0.41
N GLY A 21 11.68 11.53 -0.17
CA GLY A 21 11.60 11.39 -1.59
C GLY A 21 11.18 9.98 -1.91
N CYS A 22 12.12 9.10 -1.82
CA CYS A 22 11.92 7.69 -2.06
C CYS A 22 12.31 6.84 -0.82
N PRO A 23 12.08 5.49 -0.82
CA PRO A 23 12.19 4.64 0.37
C PRO A 23 13.55 4.47 1.00
N ARG A 24 13.46 4.07 2.22
CA ARG A 24 14.55 3.69 3.04
C ARG A 24 14.21 2.29 3.53
N HIS A 25 14.78 1.83 4.59
CA HIS A 25 14.48 0.49 5.04
C HIS A 25 13.36 0.43 6.07
N PHE A 26 12.16 0.35 5.56
CA PHE A 26 10.95 0.21 6.37
C PHE A 26 9.78 -0.16 5.45
N ASN A 27 9.07 -1.23 5.77
CA ASN A 27 7.92 -1.62 4.99
C ASN A 27 6.73 -1.93 5.92
N PRO A 28 6.03 -0.87 6.39
CA PRO A 28 4.82 -0.98 7.20
C PRO A 28 3.78 -1.98 6.74
N VAL A 29 3.45 -1.97 5.49
CA VAL A 29 2.30 -2.68 5.03
C VAL A 29 2.63 -3.93 4.27
N CYS A 30 1.62 -4.71 4.06
CA CYS A 30 1.75 -6.03 3.56
C CYS A 30 1.10 -6.14 2.22
N GLY A 31 1.78 -6.71 1.32
CA GLY A 31 1.33 -6.90 -0.04
C GLY A 31 0.24 -7.94 -0.25
N SER A 32 -0.97 -7.52 -0.67
CA SER A 32 -1.99 -8.50 -1.03
C SER A 32 -1.69 -8.96 -2.44
N ASP A 33 -1.01 -8.09 -3.17
CA ASP A 33 -0.57 -8.36 -4.53
C ASP A 33 0.89 -8.80 -4.53
N MET A 34 1.25 -9.49 -3.43
CA MET A 34 2.55 -10.13 -3.23
C MET A 34 3.72 -9.15 -3.29
N SER A 35 3.90 -8.40 -2.19
CA SER A 35 4.94 -7.36 -2.00
C SER A 35 4.78 -6.69 -0.62
N THR A 36 5.58 -7.01 0.32
CA THR A 36 5.59 -6.28 1.60
C THR A 36 6.25 -4.89 1.35
N TYR A 37 5.48 -3.83 1.59
CA TYR A 37 5.81 -2.48 1.11
C TYR A 37 5.24 -1.38 1.97
N ALA A 38 5.35 -0.15 1.46
CA ALA A 38 4.70 1.08 1.94
C ALA A 38 5.25 2.14 1.05
N ASN A 39 5.25 3.35 1.46
CA ASN A 39 5.90 4.46 0.75
C ASN A 39 5.10 5.03 -0.36
N GLU A 40 5.36 6.29 -0.63
CA GLU A 40 4.78 7.00 -1.75
C GLU A 40 5.52 6.58 -3.02
N CYS A 41 6.62 5.90 -2.81
CA CYS A 41 7.53 5.56 -3.88
C CYS A 41 7.58 4.05 -4.00
N THR A 42 6.99 3.37 -3.04
CA THR A 42 6.82 1.99 -3.17
C THR A 42 5.35 1.70 -3.43
N LEU A 43 4.39 2.06 -2.48
CA LEU A 43 2.97 1.74 -2.85
C LEU A 43 2.44 2.66 -3.76
N CYS A 44 2.64 3.88 -3.53
CA CYS A 44 1.93 4.84 -4.33
C CYS A 44 2.34 4.82 -5.82
N MET A 45 3.54 4.37 -6.09
CA MET A 45 3.96 4.12 -7.48
C MET A 45 3.27 2.86 -7.93
N LYS A 46 3.32 1.88 -7.06
CA LYS A 46 2.65 0.62 -7.21
C LYS A 46 1.18 0.80 -7.41
N ILE A 47 0.58 1.65 -6.63
CA ILE A 47 -0.78 1.67 -6.59
C ILE A 47 -1.38 2.28 -7.87
N ARG A 48 -0.62 3.25 -8.42
CA ARG A 48 -0.99 3.96 -9.63
C ARG A 48 -1.03 2.96 -10.79
N GLU A 49 -0.03 2.04 -10.80
CA GLU A 49 0.01 0.87 -11.72
C GLU A 49 1.36 0.20 -11.64
N GLY A 50 2.05 0.40 -10.54
CA GLY A 50 3.30 -0.30 -10.39
C GLY A 50 2.98 -1.73 -10.12
N GLY A 51 1.78 -1.94 -9.57
CA GLY A 51 1.30 -3.26 -9.49
C GLY A 51 -0.13 -3.33 -9.98
N HIS A 52 -1.00 -2.90 -9.14
CA HIS A 52 -2.39 -3.10 -9.23
C HIS A 52 -2.92 -1.94 -8.45
N ASN A 53 -4.18 -1.84 -8.25
CA ASN A 53 -4.64 -0.95 -7.21
C ASN A 53 -4.45 -1.69 -5.90
N ILE A 54 -3.24 -1.54 -5.37
CA ILE A 54 -2.79 -2.18 -4.15
C ILE A 54 -3.81 -2.18 -3.06
N LYS A 55 -4.02 -3.35 -2.55
CA LYS A 55 -4.69 -3.49 -1.35
C LYS A 55 -3.64 -4.07 -0.50
N ILE A 56 -3.29 -3.41 0.54
CA ILE A 56 -2.36 -3.99 1.41
C ILE A 56 -3.10 -5.14 2.08
N ILE A 57 -2.52 -6.28 2.17
CA ILE A 57 -3.23 -7.41 2.74
C ILE A 57 -3.37 -7.18 4.20
N ARG A 58 -2.35 -6.71 4.72
CA ARG A 58 -2.27 -6.33 6.02
C ARG A 58 -1.87 -4.95 6.09
N ASN A 59 -2.48 -4.30 6.98
CA ASN A 59 -2.42 -2.89 7.09
C ASN A 59 -1.24 -2.44 7.94
N GLY A 60 -0.37 -3.36 8.21
CA GLY A 60 0.75 -3.11 9.08
C GLY A 60 1.18 -4.37 9.78
N PRO A 61 0.35 -4.92 10.70
CA PRO A 61 0.66 -6.14 11.44
C PRO A 61 0.82 -7.40 10.57
N CYS A 62 2.06 -7.79 10.39
CA CYS A 62 2.49 -9.00 9.74
C CYS A 62 3.69 -9.48 10.49
N PRO A 1 -13.63 -2.67 3.00
CA PRO A 1 -14.17 -4.00 3.06
C PRO A 1 -13.48 -4.80 4.15
N GLN A 2 -14.25 -5.22 5.13
CA GLN A 2 -13.76 -6.02 6.24
C GLN A 2 -14.95 -6.73 6.85
N PHE A 3 -14.75 -7.96 7.36
CA PHE A 3 -15.83 -8.76 7.96
C PHE A 3 -16.95 -9.03 6.95
N GLY A 4 -16.55 -9.24 5.72
CA GLY A 4 -17.49 -9.49 4.66
C GLY A 4 -16.89 -10.43 3.64
N LEU A 5 -17.07 -10.16 2.38
CA LEU A 5 -16.53 -11.04 1.34
C LEU A 5 -15.36 -10.35 0.62
N PHE A 6 -15.17 -9.06 0.93
CA PHE A 6 -14.13 -8.20 0.35
C PHE A 6 -14.36 -7.94 -1.15
N SER A 7 -14.87 -6.78 -1.47
CA SER A 7 -15.07 -6.38 -2.85
C SER A 7 -13.70 -6.17 -3.52
N LYS A 8 -12.95 -5.23 -3.01
CA LYS A 8 -11.60 -4.99 -3.49
C LYS A 8 -10.62 -4.86 -2.33
N TYR A 9 -10.98 -5.49 -1.20
CA TYR A 9 -10.20 -5.48 0.02
C TYR A 9 -9.97 -4.03 0.50
N ARG A 10 -8.83 -3.78 1.08
CA ARG A 10 -8.49 -2.51 1.59
C ARG A 10 -7.46 -1.89 0.75
N THR A 11 -7.68 -0.72 0.36
CA THR A 11 -6.66 -0.04 -0.36
C THR A 11 -6.30 1.32 0.30
N PRO A 12 -4.98 1.58 0.51
CA PRO A 12 -4.49 2.84 1.10
C PRO A 12 -4.59 3.99 0.12
N ASN A 13 -4.80 5.16 0.63
CA ASN A 13 -4.86 6.35 -0.19
C ASN A 13 -3.80 7.30 0.30
N CYS A 14 -2.90 7.71 -0.57
CA CYS A 14 -1.80 8.61 -0.21
C CYS A 14 -2.26 10.08 -0.12
N SER A 15 -3.55 10.29 0.05
CA SER A 15 -4.06 11.59 0.35
C SER A 15 -3.63 11.88 1.80
N GLN A 16 -3.94 10.96 2.69
CA GLN A 16 -3.42 10.97 4.02
C GLN A 16 -2.29 10.01 4.07
N TYR A 17 -1.09 10.55 3.95
CA TYR A 17 0.23 9.92 4.13
C TYR A 17 1.24 10.99 3.83
N ARG A 18 1.55 11.77 4.83
CA ARG A 18 2.42 12.88 4.61
C ARG A 18 3.88 12.58 4.78
N LEU A 19 4.49 12.19 3.69
CA LEU A 19 5.89 11.95 3.62
C LEU A 19 6.55 13.09 2.86
N PRO A 20 7.84 13.36 3.15
CA PRO A 20 8.61 14.32 2.37
C PRO A 20 9.04 13.68 1.03
N GLY A 21 8.73 12.40 0.94
CA GLY A 21 9.03 11.59 -0.18
C GLY A 21 8.97 10.19 0.31
N CYS A 22 10.09 9.67 0.67
CA CYS A 22 10.19 8.37 1.28
C CYS A 22 11.41 8.36 2.20
N PRO A 23 11.18 8.35 3.52
CA PRO A 23 12.24 8.24 4.51
C PRO A 23 12.82 6.89 4.55
N ARG A 24 14.08 6.86 4.27
CA ARG A 24 14.88 5.68 4.15
C ARG A 24 14.26 4.73 3.15
N HIS A 25 13.54 3.78 3.66
CA HIS A 25 12.79 2.78 2.91
C HIS A 25 12.28 1.73 3.87
N PHE A 26 11.19 2.01 4.49
CA PHE A 26 10.56 1.08 5.41
C PHE A 26 9.32 0.49 4.77
N ASN A 27 8.82 -0.61 5.31
CA ASN A 27 7.66 -1.22 4.71
C ASN A 27 6.63 -1.66 5.81
N PRO A 28 5.84 -0.69 6.32
CA PRO A 28 4.69 -0.95 7.20
C PRO A 28 3.69 -2.02 6.75
N VAL A 29 3.33 -2.01 5.49
CA VAL A 29 2.17 -2.78 5.06
C VAL A 29 2.52 -4.03 4.31
N CYS A 30 1.53 -4.84 4.17
CA CYS A 30 1.63 -6.14 3.61
C CYS A 30 0.79 -6.14 2.39
N GLY A 31 1.21 -6.78 1.40
CA GLY A 31 0.50 -6.77 0.15
C GLY A 31 -0.17 -8.04 -0.24
N SER A 32 -1.39 -7.90 -0.75
CA SER A 32 -2.11 -9.04 -1.25
C SER A 32 -1.53 -9.47 -2.58
N ASP A 33 -0.93 -8.51 -3.30
CA ASP A 33 -0.23 -8.80 -4.56
C ASP A 33 1.23 -9.16 -4.28
N MET A 34 1.45 -9.67 -3.07
CA MET A 34 2.70 -10.25 -2.59
C MET A 34 3.90 -9.35 -2.66
N SER A 35 3.95 -8.44 -1.74
CA SER A 35 5.04 -7.51 -1.58
C SER A 35 4.93 -6.91 -0.19
N THR A 36 6.01 -6.81 0.50
CA THR A 36 6.03 -6.08 1.75
C THR A 36 6.40 -4.66 1.39
N TYR A 37 5.52 -3.73 1.63
CA TYR A 37 5.68 -2.39 1.12
C TYR A 37 5.04 -1.35 1.99
N ALA A 38 5.04 -0.15 1.45
CA ALA A 38 4.32 1.03 1.92
C ALA A 38 4.93 2.11 1.12
N ASN A 39 4.77 3.31 1.55
CA ASN A 39 5.46 4.48 1.02
C ASN A 39 5.07 4.94 -0.38
N GLU A 40 5.56 6.11 -0.71
CA GLU A 40 5.23 6.84 -1.93
C GLU A 40 6.11 6.35 -3.08
N CYS A 41 6.96 5.44 -2.78
CA CYS A 41 7.93 4.96 -3.74
C CYS A 41 7.71 3.48 -3.94
N THR A 42 7.19 2.85 -2.91
CA THR A 42 6.88 1.50 -3.02
C THR A 42 5.37 1.29 -3.28
N LEU A 43 4.40 1.71 -2.35
CA LEU A 43 2.99 1.44 -2.77
C LEU A 43 2.62 2.44 -3.72
N CYS A 44 2.63 3.66 -3.32
CA CYS A 44 2.10 4.71 -4.18
C CYS A 44 2.54 4.78 -5.64
N MET A 45 3.73 4.29 -5.93
CA MET A 45 4.13 4.11 -7.33
C MET A 45 3.30 2.94 -7.87
N LYS A 46 3.49 1.81 -7.21
CA LYS A 46 2.80 0.56 -7.46
C LYS A 46 1.31 0.75 -7.49
N ILE A 47 0.81 1.54 -6.60
CA ILE A 47 -0.55 1.60 -6.41
C ILE A 47 -1.27 2.38 -7.52
N ARG A 48 -0.61 3.44 -8.06
CA ARG A 48 -1.26 4.21 -9.12
C ARG A 48 -1.42 3.33 -10.31
N GLU A 49 -0.39 2.53 -10.56
CA GLU A 49 -0.38 1.53 -11.64
C GLU A 49 0.97 0.90 -11.78
N GLY A 50 1.76 0.98 -10.74
CA GLY A 50 3.03 0.32 -10.80
C GLY A 50 2.79 -1.15 -10.73
N GLY A 51 1.68 -1.51 -10.08
CA GLY A 51 1.26 -2.85 -10.15
C GLY A 51 -0.20 -2.94 -10.52
N HIS A 52 -1.01 -2.56 -9.59
CA HIS A 52 -2.43 -2.69 -9.62
C HIS A 52 -2.88 -1.60 -8.72
N ASN A 53 -4.12 -1.54 -8.41
CA ASN A 53 -4.53 -0.72 -7.28
C ASN A 53 -4.39 -1.60 -6.04
N ILE A 54 -3.17 -1.58 -5.49
CA ILE A 54 -2.78 -2.38 -4.34
C ILE A 54 -3.79 -2.44 -3.23
N LYS A 55 -4.01 -3.64 -2.80
CA LYS A 55 -4.77 -3.89 -1.68
C LYS A 55 -3.85 -4.54 -0.73
N ILE A 56 -3.55 -3.86 0.33
CA ILE A 56 -2.66 -4.40 1.25
C ILE A 56 -3.35 -5.52 2.00
N ILE A 57 -2.65 -6.57 2.25
CA ILE A 57 -3.24 -7.71 2.86
C ILE A 57 -3.33 -7.49 4.34
N ARG A 58 -2.37 -6.79 4.81
CA ARG A 58 -2.34 -6.37 6.11
C ARG A 58 -2.02 -4.91 6.12
N ASN A 59 -2.83 -4.15 6.83
CA ASN A 59 -2.71 -2.71 6.88
C ASN A 59 -1.58 -2.24 7.78
N GLY A 60 -0.84 -3.14 8.29
CA GLY A 60 0.22 -2.81 9.17
C GLY A 60 1.06 -4.01 9.42
N PRO A 61 1.74 -4.07 10.57
CA PRO A 61 2.69 -5.14 10.91
C PRO A 61 2.12 -6.56 10.75
N CYS A 62 2.68 -7.30 9.83
CA CYS A 62 2.39 -8.70 9.71
C CYS A 62 3.17 -9.44 10.77
N PRO A 1 -9.56 -7.57 14.43
CA PRO A 1 -9.38 -7.86 13.02
C PRO A 1 -10.05 -6.75 12.23
N GLN A 2 -9.90 -6.78 10.92
CA GLN A 2 -10.56 -5.80 10.08
C GLN A 2 -11.54 -6.52 9.16
N PHE A 3 -10.98 -7.18 8.15
CA PHE A 3 -11.75 -7.90 7.12
C PHE A 3 -12.81 -7.00 6.46
N GLY A 4 -12.47 -5.73 6.30
CA GLY A 4 -13.36 -4.78 5.67
C GLY A 4 -13.47 -4.99 4.17
N LEU A 5 -14.25 -5.96 3.81
CA LEU A 5 -14.51 -6.27 2.43
C LEU A 5 -15.85 -5.80 2.00
N PHE A 6 -15.89 -5.33 0.78
CA PHE A 6 -17.16 -4.94 0.16
C PHE A 6 -17.38 -5.84 -1.03
N SER A 7 -16.65 -5.59 -2.08
CA SER A 7 -16.67 -6.43 -3.25
C SER A 7 -15.23 -6.67 -3.69
N LYS A 8 -14.32 -6.34 -2.79
CA LYS A 8 -12.91 -6.48 -2.98
C LYS A 8 -12.29 -6.29 -1.59
N TYR A 9 -10.98 -6.30 -1.51
CA TYR A 9 -10.28 -6.17 -0.26
C TYR A 9 -10.23 -4.67 0.19
N ARG A 10 -9.22 -4.33 0.96
CA ARG A 10 -9.06 -3.03 1.50
C ARG A 10 -7.81 -2.40 0.91
N THR A 11 -7.99 -1.39 0.17
CA THR A 11 -6.90 -0.72 -0.43
C THR A 11 -6.58 0.56 0.32
N PRO A 12 -5.27 0.87 0.51
CA PRO A 12 -4.85 2.09 1.14
C PRO A 12 -4.98 3.27 0.17
N ASN A 13 -5.04 4.45 0.68
CA ASN A 13 -5.18 5.63 -0.15
C ASN A 13 -3.85 6.36 -0.16
N CYS A 14 -3.38 6.72 -1.33
CA CYS A 14 -2.15 7.46 -1.43
C CYS A 14 -2.38 8.93 -1.07
N SER A 15 -2.42 9.18 0.22
CA SER A 15 -2.53 10.53 0.74
C SER A 15 -2.00 10.51 2.17
N GLN A 16 -1.11 9.59 2.43
CA GLN A 16 -0.57 9.39 3.78
C GLN A 16 0.93 9.33 3.73
N TYR A 17 1.42 9.99 2.78
CA TYR A 17 2.83 10.09 2.53
C TYR A 17 3.25 11.53 2.60
N ARG A 18 4.51 11.78 2.50
CA ARG A 18 5.02 13.11 2.48
C ARG A 18 6.38 13.00 1.84
N LEU A 19 7.00 14.14 1.53
CA LEU A 19 8.29 14.25 0.85
C LEU A 19 8.16 14.20 -0.64
N PRO A 20 8.93 15.03 -1.36
CA PRO A 20 8.98 14.99 -2.81
C PRO A 20 9.59 13.68 -3.28
N GLY A 21 10.37 13.07 -2.41
CA GLY A 21 10.92 11.78 -2.68
C GLY A 21 10.14 10.74 -1.93
N CYS A 22 10.81 9.90 -1.21
CA CYS A 22 10.14 8.89 -0.42
C CYS A 22 10.83 8.78 0.89
N PRO A 23 10.12 8.99 1.99
CA PRO A 23 10.71 8.92 3.29
C PRO A 23 10.85 7.46 3.74
N ARG A 24 12.07 7.10 3.93
CA ARG A 24 12.50 5.82 4.37
C ARG A 24 12.13 4.73 3.39
N HIS A 25 12.62 3.61 3.68
CA HIS A 25 12.30 2.40 2.95
C HIS A 25 11.71 1.38 3.89
N PHE A 26 11.07 1.88 4.94
CA PHE A 26 10.38 1.05 5.90
C PHE A 26 9.21 0.34 5.24
N ASN A 27 8.82 -0.80 5.74
CA ASN A 27 7.71 -1.51 5.15
C ASN A 27 6.59 -1.67 6.20
N PRO A 28 5.76 -0.62 6.45
CA PRO A 28 4.60 -0.72 7.33
C PRO A 28 3.56 -1.75 6.92
N VAL A 29 3.20 -1.79 5.67
CA VAL A 29 2.07 -2.59 5.24
C VAL A 29 2.47 -3.86 4.49
N CYS A 30 1.50 -4.68 4.24
CA CYS A 30 1.70 -5.98 3.69
C CYS A 30 1.15 -6.06 2.29
N GLY A 31 1.92 -6.61 1.46
CA GLY A 31 1.63 -6.80 0.05
C GLY A 31 0.68 -7.95 -0.27
N SER A 32 -0.58 -7.64 -0.73
CA SER A 32 -1.50 -8.72 -1.13
C SER A 32 -0.97 -9.33 -2.41
N ASP A 33 -0.39 -8.47 -3.26
CA ASP A 33 0.24 -8.90 -4.50
C ASP A 33 1.65 -9.47 -4.25
N MET A 34 1.84 -9.94 -3.01
CA MET A 34 3.05 -10.60 -2.51
C MET A 34 4.17 -9.61 -2.36
N SER A 35 4.13 -8.87 -1.27
CA SER A 35 5.09 -7.81 -1.00
C SER A 35 5.03 -7.38 0.48
N THR A 36 5.92 -6.54 0.81
CA THR A 36 6.04 -5.85 2.08
C THR A 36 6.42 -4.41 1.77
N TYR A 37 5.53 -3.48 1.98
CA TYR A 37 5.79 -2.11 1.54
C TYR A 37 5.09 -1.05 2.37
N ALA A 38 5.18 0.22 1.88
CA ALA A 38 4.40 1.42 2.28
C ALA A 38 5.23 2.67 2.11
N ASN A 39 5.08 3.30 0.98
CA ASN A 39 5.67 4.60 0.67
C ASN A 39 5.31 4.96 -0.74
N GLU A 40 5.68 6.13 -1.19
CA GLU A 40 5.30 6.51 -2.53
C GLU A 40 6.22 5.97 -3.60
N CYS A 41 7.14 5.15 -3.19
CA CYS A 41 8.04 4.50 -4.10
C CYS A 41 7.66 3.06 -4.14
N THR A 42 7.16 2.58 -3.03
CA THR A 42 6.69 1.25 -3.02
C THR A 42 5.24 1.20 -3.39
N LEU A 43 4.32 1.72 -2.54
CA LEU A 43 2.92 1.54 -2.94
C LEU A 43 2.54 2.52 -3.85
N CYS A 44 2.70 3.73 -3.54
CA CYS A 44 2.11 4.78 -4.42
C CYS A 44 2.55 4.70 -5.88
N MET A 45 3.75 4.19 -6.13
CA MET A 45 4.14 3.86 -7.50
C MET A 45 3.21 2.78 -7.97
N LYS A 46 3.29 1.68 -7.26
CA LYS A 46 2.46 0.52 -7.46
C LYS A 46 0.99 0.87 -7.51
N ILE A 47 0.53 1.66 -6.60
CA ILE A 47 -0.82 1.79 -6.41
C ILE A 47 -1.52 2.60 -7.48
N ARG A 48 -0.80 3.57 -8.04
CA ARG A 48 -1.38 4.38 -9.08
C ARG A 48 -1.55 3.53 -10.29
N GLU A 49 -0.53 2.70 -10.55
CA GLU A 49 -0.56 1.68 -11.60
C GLU A 49 0.78 1.00 -11.73
N GLY A 50 1.59 1.11 -10.71
CA GLY A 50 2.86 0.44 -10.75
C GLY A 50 2.60 -1.03 -10.61
N GLY A 51 1.47 -1.36 -10.01
CA GLY A 51 1.03 -2.68 -10.01
C GLY A 51 -0.41 -2.75 -10.41
N HIS A 52 -1.24 -2.40 -9.48
CA HIS A 52 -2.66 -2.54 -9.51
C HIS A 52 -3.13 -1.51 -8.57
N ASN A 53 -4.36 -1.50 -8.27
CA ASN A 53 -4.80 -0.73 -7.14
C ASN A 53 -4.54 -1.63 -5.92
N ILE A 54 -3.27 -1.58 -5.43
CA ILE A 54 -2.78 -2.43 -4.34
C ILE A 54 -3.72 -2.50 -3.17
N LYS A 55 -3.93 -3.70 -2.72
CA LYS A 55 -4.66 -3.94 -1.58
C LYS A 55 -3.62 -4.42 -0.66
N ILE A 56 -3.39 -3.75 0.38
CA ILE A 56 -2.46 -4.26 1.28
C ILE A 56 -3.16 -5.41 1.97
N ILE A 57 -2.49 -6.52 2.10
CA ILE A 57 -3.13 -7.68 2.66
C ILE A 57 -3.35 -7.45 4.11
N ARG A 58 -2.42 -6.80 4.66
CA ARG A 58 -2.43 -6.35 5.96
C ARG A 58 -2.03 -4.93 6.04
N ASN A 59 -2.67 -4.24 6.92
CA ASN A 59 -2.56 -2.80 7.04
C ASN A 59 -1.37 -2.40 7.88
N GLY A 60 -0.65 -3.37 8.37
CA GLY A 60 0.47 -3.12 9.22
C GLY A 60 1.39 -4.31 9.25
N PRO A 61 1.77 -4.80 10.43
CA PRO A 61 2.80 -5.87 10.60
C PRO A 61 2.30 -7.30 10.25
N CYS A 62 1.35 -7.39 9.33
CA CYS A 62 0.74 -8.66 8.90
C CYS A 62 0.00 -9.37 10.02
N PRO A 1 -14.85 -2.35 -3.32
CA PRO A 1 -15.42 -1.29 -2.50
C PRO A 1 -14.47 -0.13 -2.54
N GLN A 2 -14.90 1.02 -1.97
CA GLN A 2 -14.11 2.27 -1.91
C GLN A 2 -13.87 2.84 -3.32
N PHE A 3 -14.58 3.95 -3.64
CA PHE A 3 -14.52 4.58 -4.99
C PHE A 3 -15.14 3.60 -6.02
N GLY A 4 -15.07 3.87 -7.32
CA GLY A 4 -15.54 2.91 -8.29
C GLY A 4 -14.57 1.76 -8.50
N LEU A 5 -14.08 1.20 -7.42
CA LEU A 5 -13.23 0.09 -7.44
C LEU A 5 -14.12 -1.14 -7.29
N PHE A 6 -14.14 -1.93 -8.31
CA PHE A 6 -15.07 -3.05 -8.40
C PHE A 6 -14.49 -4.30 -7.78
N SER A 7 -13.19 -4.34 -7.69
CA SER A 7 -12.49 -5.45 -7.12
C SER A 7 -12.58 -5.40 -5.58
N LYS A 8 -12.27 -6.50 -4.94
CA LYS A 8 -12.36 -6.63 -3.50
C LYS A 8 -11.32 -5.78 -2.78
N TYR A 9 -11.51 -5.66 -1.49
CA TYR A 9 -10.63 -5.00 -0.56
C TYR A 9 -10.69 -3.47 -0.69
N ARG A 10 -9.72 -2.82 -0.09
CA ARG A 10 -9.65 -1.42 -0.03
C ARG A 10 -8.20 -1.03 -0.19
N THR A 11 -7.97 0.17 -0.50
CA THR A 11 -6.65 0.66 -0.75
C THR A 11 -6.37 1.96 0.07
N PRO A 12 -5.09 2.18 0.49
CA PRO A 12 -4.70 3.39 1.17
C PRO A 12 -4.41 4.51 0.16
N ASN A 13 -5.11 5.61 0.29
CA ASN A 13 -4.97 6.74 -0.62
C ASN A 13 -3.68 7.48 -0.36
N CYS A 14 -2.80 7.43 -1.32
CA CYS A 14 -1.50 8.03 -1.23
C CYS A 14 -1.48 9.44 -1.82
N SER A 15 -2.41 9.71 -2.73
CA SER A 15 -2.45 10.95 -3.52
C SER A 15 -2.86 12.22 -2.71
N GLN A 16 -2.43 12.28 -1.46
CA GLN A 16 -2.74 13.41 -0.58
C GLN A 16 -1.77 13.40 0.61
N TYR A 17 -0.61 12.95 0.32
CA TYR A 17 0.45 12.79 1.31
C TYR A 17 1.39 13.98 1.37
N ARG A 18 1.52 14.55 2.55
CA ARG A 18 2.40 15.68 2.77
C ARG A 18 3.77 15.13 3.27
N LEU A 19 4.34 14.24 2.49
CA LEU A 19 5.66 13.70 2.74
C LEU A 19 6.64 14.36 1.83
N PRO A 20 7.92 14.47 2.23
CA PRO A 20 8.99 14.96 1.35
C PRO A 20 9.32 13.90 0.30
N GLY A 21 8.67 12.76 0.43
CA GLY A 21 8.81 11.69 -0.47
C GLY A 21 8.54 10.41 0.23
N CYS A 22 9.56 9.85 0.78
CA CYS A 22 9.51 8.58 1.48
C CYS A 22 10.69 8.57 2.43
N PRO A 23 10.46 8.62 3.75
CA PRO A 23 11.54 8.53 4.73
C PRO A 23 12.28 7.24 4.61
N ARG A 24 13.55 7.40 4.30
CA ARG A 24 14.53 6.33 4.06
C ARG A 24 13.93 5.21 3.19
N HIS A 25 13.36 4.22 3.86
CA HIS A 25 12.66 3.08 3.26
C HIS A 25 12.35 2.06 4.36
N PHE A 26 11.09 1.71 4.50
CA PHE A 26 10.61 0.75 5.51
C PHE A 26 9.38 0.06 4.96
N ASN A 27 8.95 -1.03 5.58
CA ASN A 27 7.83 -1.79 5.05
C ASN A 27 6.73 -2.01 6.14
N PRO A 28 5.90 -0.99 6.38
CA PRO A 28 4.71 -1.09 7.25
C PRO A 28 3.65 -2.07 6.81
N VAL A 29 3.25 -2.03 5.57
CA VAL A 29 2.05 -2.72 5.15
C VAL A 29 2.31 -3.98 4.36
N CYS A 30 1.27 -4.69 4.11
CA CYS A 30 1.40 -6.02 3.64
C CYS A 30 0.82 -6.14 2.27
N GLY A 31 1.57 -6.65 1.40
CA GLY A 31 1.17 -6.88 0.04
C GLY A 31 0.11 -7.92 -0.20
N SER A 32 -1.10 -7.50 -0.64
CA SER A 32 -2.08 -8.49 -1.09
C SER A 32 -1.63 -8.87 -2.51
N ASP A 33 -0.76 -7.99 -3.06
CA ASP A 33 -0.10 -8.14 -4.37
C ASP A 33 1.23 -8.94 -4.20
N MET A 34 1.35 -9.63 -3.04
CA MET A 34 2.52 -10.50 -2.70
C MET A 34 3.80 -9.66 -2.40
N SER A 35 3.63 -8.39 -2.16
CA SER A 35 4.76 -7.52 -1.87
C SER A 35 4.57 -6.78 -0.54
N THR A 36 5.34 -7.06 0.45
CA THR A 36 5.33 -6.27 1.69
C THR A 36 6.00 -4.90 1.41
N TYR A 37 5.24 -3.85 1.66
CA TYR A 37 5.58 -2.49 1.23
C TYR A 37 4.97 -1.41 2.11
N ALA A 38 5.09 -0.18 1.62
CA ALA A 38 4.31 1.00 2.03
C ALA A 38 4.87 2.14 1.25
N ASN A 39 4.65 3.32 1.72
CA ASN A 39 5.26 4.55 1.21
C ASN A 39 4.86 4.95 -0.22
N GLU A 40 5.28 6.12 -0.61
CA GLU A 40 4.94 6.71 -1.90
C GLU A 40 5.75 6.10 -3.02
N CYS A 41 6.81 5.47 -2.65
CA CYS A 41 7.79 4.98 -3.59
C CYS A 41 7.58 3.53 -3.75
N THR A 42 7.05 2.92 -2.73
CA THR A 42 6.76 1.58 -2.83
C THR A 42 5.26 1.37 -3.09
N LEU A 43 4.30 1.88 -2.25
CA LEU A 43 2.90 1.63 -2.68
C LEU A 43 2.51 2.56 -3.66
N CYS A 44 2.66 3.80 -3.41
CA CYS A 44 2.04 4.79 -4.32
C CYS A 44 2.51 4.68 -5.78
N MET A 45 3.71 4.21 -5.97
CA MET A 45 4.14 3.91 -7.32
C MET A 45 3.37 2.69 -7.78
N LYS A 46 3.45 1.64 -6.96
CA LYS A 46 2.65 0.39 -7.16
C LYS A 46 1.19 0.69 -7.37
N ILE A 47 0.63 1.52 -6.53
CA ILE A 47 -0.74 1.58 -6.41
C ILE A 47 -1.38 2.26 -7.62
N ARG A 48 -0.69 3.25 -8.14
CA ARG A 48 -1.20 3.97 -9.27
C ARG A 48 -1.21 3.07 -10.47
N GLU A 49 -0.16 2.26 -10.59
CA GLU A 49 -0.04 1.23 -11.64
C GLU A 49 1.32 0.58 -11.63
N GLY A 50 2.00 0.69 -10.52
CA GLY A 50 3.27 0.05 -10.42
C GLY A 50 3.04 -1.41 -10.29
N GLY A 51 1.90 -1.75 -9.70
CA GLY A 51 1.51 -3.11 -9.73
C GLY A 51 0.09 -3.29 -10.18
N HIS A 52 -0.77 -2.83 -9.36
CA HIS A 52 -2.17 -3.01 -9.45
C HIS A 52 -2.72 -1.87 -8.70
N ASN A 53 -3.98 -1.83 -8.48
CA ASN A 53 -4.48 -0.94 -7.49
C ASN A 53 -4.33 -1.66 -6.18
N ILE A 54 -3.17 -1.48 -5.56
CA ILE A 54 -2.77 -2.16 -4.33
C ILE A 54 -3.80 -2.18 -3.25
N LYS A 55 -4.02 -3.36 -2.76
CA LYS A 55 -4.79 -3.58 -1.63
C LYS A 55 -3.77 -4.08 -0.68
N ILE A 56 -3.54 -3.43 0.40
CA ILE A 56 -2.66 -4.01 1.31
C ILE A 56 -3.43 -5.11 2.02
N ILE A 57 -2.85 -6.25 2.16
CA ILE A 57 -3.55 -7.37 2.73
C ILE A 57 -3.63 -7.21 4.21
N ARG A 58 -2.64 -6.62 4.68
CA ARG A 58 -2.55 -6.21 5.98
C ARG A 58 -2.18 -4.80 6.07
N ASN A 59 -2.95 -4.13 6.84
CA ASN A 59 -2.89 -2.72 7.00
C ASN A 59 -1.82 -2.30 8.01
N GLY A 60 -0.88 -3.16 8.22
CA GLY A 60 0.15 -2.94 9.15
C GLY A 60 1.09 -4.11 9.16
N PRO A 61 1.88 -4.27 10.24
CA PRO A 61 2.96 -5.27 10.33
C PRO A 61 2.60 -6.71 9.97
N CYS A 62 3.52 -7.33 9.27
CA CYS A 62 3.50 -8.72 8.95
C CYS A 62 4.86 -9.30 9.32
N PRO A 1 -12.46 -11.49 4.30
CA PRO A 1 -13.26 -10.40 3.78
C PRO A 1 -13.09 -9.20 4.67
N GLN A 2 -13.37 -8.02 4.15
CA GLN A 2 -13.24 -6.82 4.92
C GLN A 2 -14.58 -6.54 5.61
N PHE A 3 -14.59 -5.70 6.62
CA PHE A 3 -15.86 -5.39 7.32
C PHE A 3 -16.23 -3.91 7.15
N GLY A 4 -15.34 -3.16 6.54
CA GLY A 4 -15.60 -1.77 6.24
C GLY A 4 -16.23 -1.68 4.87
N LEU A 5 -15.42 -1.95 3.88
CA LEU A 5 -15.86 -2.08 2.52
C LEU A 5 -16.04 -3.51 2.20
N PHE A 6 -17.05 -3.82 1.47
CA PHE A 6 -17.31 -5.19 1.14
C PHE A 6 -17.05 -5.42 -0.33
N SER A 7 -16.58 -6.62 -0.64
CA SER A 7 -16.23 -7.04 -1.99
C SER A 7 -14.97 -6.29 -2.48
N LYS A 8 -14.24 -5.72 -1.54
CA LYS A 8 -13.05 -4.98 -1.80
C LYS A 8 -12.14 -5.18 -0.58
N TYR A 9 -10.87 -5.37 -0.79
CA TYR A 9 -9.97 -5.54 0.29
C TYR A 9 -9.50 -4.14 0.79
N ARG A 10 -8.66 -4.13 1.78
CA ARG A 10 -8.20 -2.95 2.41
C ARG A 10 -7.12 -2.29 1.59
N THR A 11 -7.49 -1.24 0.97
CA THR A 11 -6.60 -0.56 0.08
C THR A 11 -6.14 0.83 0.59
N PRO A 12 -4.80 1.08 0.49
CA PRO A 12 -4.16 2.35 0.85
C PRO A 12 -4.85 3.56 0.20
N ASN A 13 -4.94 4.63 0.95
CA ASN A 13 -5.67 5.81 0.53
C ASN A 13 -4.82 6.85 -0.15
N CYS A 14 -3.52 6.60 -0.34
CA CYS A 14 -2.69 7.59 -1.02
C CYS A 14 -3.14 7.74 -2.47
N SER A 15 -3.46 6.60 -3.14
CA SER A 15 -3.93 6.50 -4.53
C SER A 15 -3.03 7.23 -5.56
N GLN A 16 -3.18 8.51 -5.63
CA GLN A 16 -2.37 9.36 -6.45
C GLN A 16 -1.35 10.00 -5.58
N TYR A 17 -0.10 9.50 -5.61
CA TYR A 17 1.11 10.14 -5.03
C TYR A 17 2.38 9.60 -5.60
N ARG A 18 2.64 10.01 -6.81
CA ARG A 18 3.84 9.66 -7.49
C ARG A 18 4.80 10.81 -7.23
N LEU A 19 5.66 10.65 -6.28
CA LEU A 19 6.63 11.65 -5.97
C LEU A 19 7.94 11.39 -6.69
N PRO A 20 8.58 12.44 -7.20
CA PRO A 20 9.91 12.31 -7.77
C PRO A 20 10.97 12.34 -6.65
N GLY A 21 10.48 12.54 -5.44
CA GLY A 21 11.27 12.57 -4.26
C GLY A 21 10.44 12.09 -3.09
N CYS A 22 10.38 10.79 -2.93
CA CYS A 22 9.53 10.19 -1.89
C CYS A 22 10.34 9.90 -0.66
N PRO A 23 9.66 9.70 0.48
CA PRO A 23 10.22 9.06 1.66
C PRO A 23 10.92 7.75 1.27
N ARG A 24 11.79 7.31 2.11
CA ARG A 24 12.67 6.20 1.79
C ARG A 24 12.03 4.81 1.91
N HIS A 25 12.40 4.04 2.92
CA HIS A 25 11.90 2.67 3.07
C HIS A 25 11.73 2.39 4.54
N PHE A 26 10.52 2.21 4.95
CA PHE A 26 10.18 1.98 6.36
C PHE A 26 8.99 1.06 6.42
N ASN A 27 8.82 0.36 5.31
CA ASN A 27 7.66 -0.47 4.83
C ASN A 27 6.69 -1.01 5.96
N PRO A 28 5.72 -0.16 6.42
CA PRO A 28 4.63 -0.56 7.32
C PRO A 28 3.77 -1.76 6.89
N VAL A 29 3.34 -1.78 5.66
CA VAL A 29 2.22 -2.62 5.28
C VAL A 29 2.59 -3.87 4.52
N CYS A 30 1.62 -4.73 4.35
CA CYS A 30 1.84 -6.02 3.81
C CYS A 30 1.25 -6.10 2.42
N GLY A 31 1.99 -6.67 1.57
CA GLY A 31 1.66 -6.82 0.16
C GLY A 31 0.64 -7.88 -0.16
N SER A 32 -0.55 -7.47 -0.69
CA SER A 32 -1.55 -8.46 -1.08
C SER A 32 -1.22 -8.94 -2.50
N ASP A 33 -0.29 -8.23 -3.14
CA ASP A 33 0.24 -8.64 -4.43
C ASP A 33 1.45 -9.57 -4.19
N MET A 34 1.58 -10.02 -2.91
CA MET A 34 2.64 -10.93 -2.42
C MET A 34 3.93 -10.17 -1.98
N SER A 35 3.79 -8.88 -1.71
CA SER A 35 4.93 -8.05 -1.30
C SER A 35 4.87 -7.68 0.21
N THR A 36 5.79 -6.84 0.61
CA THR A 36 5.89 -6.18 1.93
C THR A 36 6.28 -4.71 1.64
N TYR A 37 5.41 -3.75 1.87
CA TYR A 37 5.67 -2.40 1.37
C TYR A 37 5.05 -1.27 2.16
N ALA A 38 5.17 -0.09 1.57
CA ALA A 38 4.49 1.15 1.88
C ALA A 38 5.19 2.09 0.97
N ASN A 39 5.31 3.34 1.31
CA ASN A 39 6.14 4.31 0.60
C ASN A 39 5.43 4.87 -0.59
N GLU A 40 5.69 6.12 -0.86
CA GLU A 40 5.09 6.79 -2.01
C GLU A 40 5.85 6.37 -3.27
N CYS A 41 6.88 5.61 -3.05
CA CYS A 41 7.76 5.16 -4.09
C CYS A 41 7.78 3.67 -4.14
N THR A 42 7.09 3.05 -3.21
CA THR A 42 6.91 1.66 -3.26
C THR A 42 5.42 1.37 -3.47
N LEU A 43 4.50 1.80 -2.54
CA LEU A 43 3.08 1.51 -2.91
C LEU A 43 2.62 2.50 -3.81
N CYS A 44 2.72 3.72 -3.46
CA CYS A 44 2.09 4.75 -4.29
C CYS A 44 2.49 4.78 -5.78
N MET A 45 3.66 4.26 -6.09
CA MET A 45 4.00 4.01 -7.49
C MET A 45 3.14 2.87 -7.95
N LYS A 46 3.29 1.75 -7.25
CA LYS A 46 2.54 0.55 -7.46
C LYS A 46 1.06 0.80 -7.50
N ILE A 47 0.57 1.55 -6.56
CA ILE A 47 -0.78 1.63 -6.37
C ILE A 47 -1.47 2.45 -7.44
N ARG A 48 -0.75 3.46 -7.92
CA ARG A 48 -1.26 4.33 -8.92
C ARG A 48 -1.41 3.56 -10.20
N GLU A 49 -0.41 2.71 -10.46
CA GLU A 49 -0.40 1.82 -11.65
C GLU A 49 0.92 1.11 -11.77
N GLY A 50 1.67 1.07 -10.70
CA GLY A 50 2.91 0.36 -10.76
C GLY A 50 2.62 -1.08 -10.73
N GLY A 51 1.47 -1.43 -10.14
CA GLY A 51 1.02 -2.75 -10.26
C GLY A 51 -0.44 -2.84 -10.63
N HIS A 52 -1.26 -2.46 -9.71
CA HIS A 52 -2.65 -2.69 -9.73
C HIS A 52 -3.15 -1.63 -8.80
N ASN A 53 -4.39 -1.62 -8.51
CA ASN A 53 -4.84 -0.88 -7.37
C ASN A 53 -4.50 -1.76 -6.15
N ILE A 54 -3.31 -1.56 -5.62
CA ILE A 54 -2.82 -2.32 -4.46
C ILE A 54 -3.78 -2.32 -3.30
N LYS A 55 -3.90 -3.47 -2.72
CA LYS A 55 -4.57 -3.64 -1.54
C LYS A 55 -3.53 -4.24 -0.67
N ILE A 56 -3.43 -3.81 0.52
CA ILE A 56 -2.46 -4.38 1.35
C ILE A 56 -3.09 -5.56 2.03
N ILE A 57 -2.36 -6.61 2.20
CA ILE A 57 -2.95 -7.81 2.76
C ILE A 57 -3.12 -7.63 4.24
N ARG A 58 -2.20 -6.96 4.75
CA ARG A 58 -2.17 -6.59 6.07
C ARG A 58 -1.90 -5.15 6.23
N ASN A 59 -2.64 -4.59 7.12
CA ASN A 59 -2.66 -3.19 7.32
C ASN A 59 -1.64 -2.85 8.38
N GLY A 60 -0.42 -2.87 7.99
CA GLY A 60 0.64 -2.62 8.92
C GLY A 60 1.28 -3.93 9.29
N PRO A 61 1.32 -4.29 10.58
CA PRO A 61 1.88 -5.57 11.02
C PRO A 61 1.11 -6.75 10.39
N CYS A 62 1.83 -7.61 9.71
CA CYS A 62 1.23 -8.77 9.07
C CYS A 62 0.62 -9.67 10.14
N PRO A 1 -9.70 -4.20 10.93
CA PRO A 1 -10.82 -4.88 10.33
C PRO A 1 -10.34 -5.53 9.06
N GLN A 2 -11.07 -6.54 8.58
CA GLN A 2 -10.74 -7.22 7.33
C GLN A 2 -11.88 -8.11 6.85
N PHE A 3 -12.14 -8.03 5.56
CA PHE A 3 -13.12 -8.86 4.85
C PHE A 3 -12.79 -8.87 3.40
N GLY A 4 -12.77 -10.03 2.83
CA GLY A 4 -12.55 -10.19 1.42
C GLY A 4 -13.70 -10.97 0.85
N LEU A 5 -14.88 -10.42 0.98
CA LEU A 5 -16.08 -11.06 0.54
C LEU A 5 -16.35 -10.73 -0.94
N PHE A 6 -15.92 -9.58 -1.35
CA PHE A 6 -16.00 -9.16 -2.73
C PHE A 6 -14.57 -9.00 -3.22
N SER A 7 -14.39 -8.72 -4.49
CA SER A 7 -13.06 -8.53 -5.04
C SER A 7 -12.60 -7.08 -4.82
N LYS A 8 -12.62 -6.71 -3.58
CA LYS A 8 -12.19 -5.44 -3.12
C LYS A 8 -11.74 -5.63 -1.70
N TYR A 9 -10.76 -4.90 -1.29
CA TYR A 9 -10.18 -5.05 -0.03
C TYR A 9 -9.88 -3.64 0.50
N ARG A 10 -9.00 -3.54 1.46
CA ARG A 10 -8.68 -2.28 2.02
C ARG A 10 -7.49 -1.70 1.28
N THR A 11 -7.75 -0.78 0.45
CA THR A 11 -6.74 -0.13 -0.29
C THR A 11 -6.15 1.03 0.51
N PRO A 12 -4.81 1.16 0.50
CA PRO A 12 -4.13 2.21 1.22
C PRO A 12 -4.22 3.56 0.51
N ASN A 13 -4.41 4.59 1.28
CA ASN A 13 -4.42 5.93 0.71
C ASN A 13 -3.04 6.48 0.91
N CYS A 14 -2.32 6.70 -0.16
CA CYS A 14 -0.95 7.14 -0.09
C CYS A 14 -0.79 8.64 0.20
N SER A 15 -1.83 9.24 0.72
CA SER A 15 -1.80 10.63 1.11
C SER A 15 -1.24 10.79 2.53
N GLN A 16 -0.82 9.66 3.11
CA GLN A 16 -0.25 9.61 4.47
C GLN A 16 1.27 9.71 4.40
N TYR A 17 1.69 10.34 3.39
CA TYR A 17 3.08 10.56 3.09
C TYR A 17 3.25 12.01 2.75
N ARG A 18 4.19 12.67 3.38
CA ARG A 18 4.37 14.06 3.12
C ARG A 18 5.59 14.32 2.25
N LEU A 19 6.56 13.44 2.32
CA LEU A 19 7.76 13.60 1.52
C LEU A 19 7.49 13.43 0.06
N PRO A 20 8.04 14.33 -0.77
CA PRO A 20 7.92 14.21 -2.23
C PRO A 20 8.81 13.09 -2.74
N GLY A 21 9.66 12.61 -1.85
CA GLY A 21 10.51 11.52 -2.11
C GLY A 21 10.27 10.42 -1.11
N CYS A 22 11.27 9.65 -0.85
CA CYS A 22 11.18 8.50 0.01
C CYS A 22 12.55 8.24 0.64
N PRO A 23 12.66 8.41 1.94
CA PRO A 23 13.88 8.14 2.67
C PRO A 23 13.86 6.73 3.26
N ARG A 24 15.04 6.21 3.58
CA ARG A 24 15.21 4.94 4.20
C ARG A 24 14.65 3.82 3.34
N HIS A 25 14.61 2.72 3.91
CA HIS A 25 13.99 1.54 3.35
C HIS A 25 13.17 0.90 4.45
N PHE A 26 11.90 1.09 4.40
CA PHE A 26 10.99 0.60 5.41
C PHE A 26 9.70 0.16 4.75
N ASN A 27 9.19 -0.99 5.13
CA ASN A 27 8.00 -1.48 4.52
C ASN A 27 6.95 -1.86 5.60
N PRO A 28 6.23 -0.86 6.14
CA PRO A 28 5.09 -1.05 7.06
C PRO A 28 4.00 -2.03 6.63
N VAL A 29 3.57 -1.93 5.41
CA VAL A 29 2.35 -2.58 5.00
C VAL A 29 2.56 -3.82 4.19
N CYS A 30 1.55 -4.61 4.14
CA CYS A 30 1.63 -5.93 3.63
C CYS A 30 1.02 -6.04 2.27
N GLY A 31 1.78 -6.55 1.39
CA GLY A 31 1.37 -6.81 0.03
C GLY A 31 0.34 -7.88 -0.18
N SER A 32 -0.86 -7.52 -0.71
CA SER A 32 -1.80 -8.55 -1.16
C SER A 32 -1.21 -9.11 -2.44
N ASP A 33 -0.55 -8.20 -3.17
CA ASP A 33 0.11 -8.50 -4.43
C ASP A 33 1.52 -9.02 -4.19
N MET A 34 1.67 -9.75 -3.09
CA MET A 34 2.89 -10.53 -2.73
C MET A 34 4.12 -9.66 -2.39
N SER A 35 3.93 -8.40 -2.11
CA SER A 35 5.05 -7.54 -1.78
C SER A 35 4.80 -6.75 -0.50
N THR A 36 5.51 -7.02 0.52
CA THR A 36 5.45 -6.19 1.73
C THR A 36 6.20 -4.86 1.44
N TYR A 37 5.48 -3.76 1.58
CA TYR A 37 5.87 -2.43 1.10
C TYR A 37 5.29 -1.32 1.93
N ALA A 38 5.45 -0.10 1.42
CA ALA A 38 4.76 1.11 1.87
C ALA A 38 5.32 2.21 1.03
N ASN A 39 5.19 3.41 1.49
CA ASN A 39 5.79 4.60 0.90
C ASN A 39 5.23 5.00 -0.47
N GLU A 40 5.65 6.16 -0.93
CA GLU A 40 5.10 6.71 -2.15
C GLU A 40 5.84 6.12 -3.36
N CYS A 41 6.93 5.49 -3.10
CA CYS A 41 7.80 5.00 -4.15
C CYS A 41 7.58 3.54 -4.29
N THR A 42 7.19 2.93 -3.21
CA THR A 42 6.86 1.60 -3.27
C THR A 42 5.36 1.44 -3.43
N LEU A 43 4.48 1.91 -2.46
CA LEU A 43 3.06 1.63 -2.79
C LEU A 43 2.54 2.59 -3.69
N CYS A 44 2.65 3.82 -3.38
CA CYS A 44 1.92 4.85 -4.17
C CYS A 44 2.23 4.80 -5.68
N MET A 45 3.44 4.38 -6.03
CA MET A 45 3.74 4.14 -7.43
C MET A 45 2.91 2.96 -7.84
N LYS A 46 3.14 1.88 -7.11
CA LYS A 46 2.42 0.65 -7.26
C LYS A 46 0.92 0.85 -7.26
N ILE A 47 0.42 1.66 -6.39
CA ILE A 47 -0.92 1.65 -6.11
C ILE A 47 -1.74 2.27 -7.22
N ARG A 48 -1.20 3.32 -7.83
CA ARG A 48 -1.90 3.96 -8.90
C ARG A 48 -1.98 3.02 -10.08
N GLU A 49 -0.87 2.29 -10.31
CA GLU A 49 -0.77 1.20 -11.31
C GLU A 49 0.65 0.75 -11.46
N GLY A 50 1.46 1.05 -10.48
CA GLY A 50 2.82 0.62 -10.53
C GLY A 50 2.83 -0.85 -10.28
N GLY A 51 1.77 -1.33 -9.62
CA GLY A 51 1.61 -2.72 -9.55
C GLY A 51 0.29 -3.16 -10.11
N HIS A 52 -0.69 -3.20 -9.26
CA HIS A 52 -1.98 -3.78 -9.54
C HIS A 52 -2.98 -3.15 -8.61
N ASN A 53 -3.32 -1.88 -8.82
CA ASN A 53 -4.18 -1.07 -7.90
C ASN A 53 -4.14 -1.62 -6.45
N ILE A 54 -2.96 -1.47 -5.82
CA ILE A 54 -2.61 -2.13 -4.54
C ILE A 54 -3.63 -2.10 -3.43
N LYS A 55 -3.78 -3.26 -2.84
CA LYS A 55 -4.55 -3.45 -1.69
C LYS A 55 -3.53 -4.00 -0.76
N ILE A 56 -3.32 -3.40 0.35
CA ILE A 56 -2.43 -4.00 1.25
C ILE A 56 -3.20 -5.07 1.97
N ILE A 57 -2.62 -6.21 2.12
CA ILE A 57 -3.30 -7.32 2.71
C ILE A 57 -3.50 -7.05 4.15
N ARG A 58 -2.49 -6.49 4.69
CA ARG A 58 -2.49 -5.98 5.98
C ARG A 58 -1.96 -4.63 6.05
N ASN A 59 -2.49 -3.90 6.97
CA ASN A 59 -2.28 -2.50 7.12
C ASN A 59 -1.00 -2.21 7.91
N GLY A 60 -0.27 -3.24 8.24
CA GLY A 60 0.94 -3.07 9.00
C GLY A 60 1.37 -4.36 9.65
N PRO A 61 0.73 -4.78 10.75
CA PRO A 61 1.10 -5.99 11.45
C PRO A 61 0.65 -7.25 10.73
N CYS A 62 1.60 -8.08 10.40
CA CYS A 62 1.38 -9.35 9.76
C CYS A 62 2.10 -10.41 10.56
N PRO A 1 -12.68 -5.58 7.44
CA PRO A 1 -12.65 -6.15 6.11
C PRO A 1 -12.87 -7.66 6.15
N GLN A 2 -11.84 -8.41 6.54
CA GLN A 2 -11.95 -9.86 6.56
C GLN A 2 -12.58 -10.37 7.84
N PHE A 3 -12.82 -11.68 7.88
CA PHE A 3 -13.54 -12.39 8.96
C PHE A 3 -15.01 -12.03 8.88
N GLY A 4 -15.39 -11.74 7.67
CA GLY A 4 -16.71 -11.38 7.31
C GLY A 4 -16.80 -11.44 5.82
N LEU A 5 -17.76 -10.81 5.25
CA LEU A 5 -17.89 -10.78 3.84
C LEU A 5 -17.33 -9.46 3.34
N PHE A 6 -16.22 -9.51 2.70
CA PHE A 6 -15.63 -8.31 2.19
C PHE A 6 -15.71 -8.27 0.69
N SER A 7 -16.51 -7.36 0.19
CA SER A 7 -16.69 -7.18 -1.23
C SER A 7 -15.49 -6.43 -1.83
N LYS A 8 -14.69 -5.87 -0.95
CA LYS A 8 -13.47 -5.24 -1.33
C LYS A 8 -12.50 -5.52 -0.21
N TYR A 9 -11.24 -5.53 -0.49
CA TYR A 9 -10.27 -5.71 0.54
C TYR A 9 -9.97 -4.30 1.09
N ARG A 10 -8.87 -4.14 1.76
CA ARG A 10 -8.61 -2.88 2.29
C ARG A 10 -7.42 -2.28 1.62
N THR A 11 -7.56 -1.10 1.25
CA THR A 11 -6.55 -0.38 0.57
C THR A 11 -6.20 0.87 1.41
N PRO A 12 -4.92 1.25 1.44
CA PRO A 12 -4.46 2.37 2.25
C PRO A 12 -4.72 3.72 1.58
N ASN A 13 -4.41 4.76 2.29
CA ASN A 13 -4.51 6.10 1.77
C ASN A 13 -3.13 6.60 1.47
N CYS A 14 -2.95 7.25 0.34
CA CYS A 14 -1.65 7.79 -0.01
C CYS A 14 -1.60 9.24 0.49
N SER A 15 -2.74 9.69 1.02
CA SER A 15 -2.85 10.99 1.63
C SER A 15 -2.16 10.97 3.00
N GLN A 16 -0.86 11.05 2.93
CA GLN A 16 0.07 11.01 4.01
C GLN A 16 1.42 11.10 3.36
N TYR A 17 2.45 10.92 4.13
CA TYR A 17 3.84 10.90 3.66
C TYR A 17 4.32 12.27 3.23
N ARG A 18 4.94 13.00 4.13
CA ARG A 18 5.49 14.29 3.77
C ARG A 18 6.97 14.23 3.48
N LEU A 19 7.54 13.06 3.71
CA LEU A 19 8.90 12.75 3.29
C LEU A 19 8.86 12.61 1.75
N PRO A 20 10.03 12.64 1.05
CA PRO A 20 10.08 12.43 -0.41
C PRO A 20 9.24 11.23 -0.80
N GLY A 21 9.27 10.21 0.02
CA GLY A 21 8.36 9.13 -0.12
C GLY A 21 8.97 7.82 -0.45
N CYS A 22 10.11 7.61 0.07
CA CYS A 22 10.85 6.39 -0.16
C CYS A 22 11.46 5.97 1.17
N PRO A 23 11.74 4.67 1.38
CA PRO A 23 12.13 4.18 2.69
C PRO A 23 13.60 4.29 3.01
N ARG A 24 13.87 4.29 4.28
CA ARG A 24 15.15 4.24 4.78
C ARG A 24 15.34 2.81 5.31
N HIS A 25 14.36 2.33 6.07
CA HIS A 25 14.28 0.93 6.50
C HIS A 25 12.91 0.64 7.12
N PHE A 26 11.92 0.49 6.27
CA PHE A 26 10.56 0.22 6.72
C PHE A 26 9.67 -0.09 5.54
N ASN A 27 8.66 -0.90 5.79
CA ASN A 27 7.60 -1.21 4.85
C ASN A 27 6.41 -1.72 5.68
N PRO A 28 5.65 -0.76 6.28
CA PRO A 28 4.46 -1.00 7.09
C PRO A 28 3.44 -2.00 6.56
N VAL A 29 3.11 -1.90 5.32
CA VAL A 29 1.96 -2.60 4.83
C VAL A 29 2.30 -3.83 4.03
N CYS A 30 1.34 -4.65 3.90
CA CYS A 30 1.52 -5.95 3.43
C CYS A 30 0.88 -6.11 2.09
N GLY A 31 1.63 -6.58 1.18
CA GLY A 31 1.22 -6.79 -0.18
C GLY A 31 0.17 -7.86 -0.40
N SER A 32 -0.99 -7.50 -1.03
CA SER A 32 -1.92 -8.53 -1.45
C SER A 32 -1.20 -9.38 -2.47
N ASP A 33 -0.44 -8.71 -3.32
CA ASP A 33 0.34 -9.37 -4.35
C ASP A 33 1.75 -9.71 -3.85
N MET A 34 1.80 -10.17 -2.60
CA MET A 34 3.00 -10.73 -1.92
C MET A 34 4.11 -9.69 -1.61
N SER A 35 3.90 -8.45 -1.93
CA SER A 35 4.93 -7.46 -1.73
C SER A 35 4.67 -6.61 -0.50
N THR A 36 5.38 -6.86 0.53
CA THR A 36 5.31 -6.01 1.73
C THR A 36 6.04 -4.67 1.43
N TYR A 37 5.28 -3.59 1.54
CA TYR A 37 5.62 -2.25 1.06
C TYR A 37 4.96 -1.18 1.90
N ALA A 38 5.03 0.12 1.45
CA ALA A 38 4.18 1.22 2.00
C ALA A 38 4.51 2.59 1.47
N ASN A 39 5.69 2.77 0.99
CA ASN A 39 6.15 4.11 0.65
C ASN A 39 5.41 4.71 -0.51
N GLU A 40 5.70 5.95 -0.77
CA GLU A 40 5.08 6.69 -1.84
C GLU A 40 5.73 6.23 -3.18
N CYS A 41 6.76 5.44 -3.03
CA CYS A 41 7.51 4.93 -4.15
C CYS A 41 7.36 3.45 -4.16
N THR A 42 6.93 2.91 -3.04
CA THR A 42 6.73 1.53 -2.98
C THR A 42 5.25 1.25 -3.25
N LEU A 43 4.31 1.75 -2.39
CA LEU A 43 2.91 1.53 -2.83
C LEU A 43 2.55 2.50 -3.77
N CYS A 44 2.60 3.73 -3.43
CA CYS A 44 2.01 4.77 -4.28
C CYS A 44 2.47 4.74 -5.75
N MET A 45 3.65 4.29 -5.98
CA MET A 45 4.13 4.04 -7.31
C MET A 45 3.31 2.81 -7.85
N LYS A 46 3.43 1.68 -7.10
CA LYS A 46 2.66 0.50 -7.34
C LYS A 46 1.17 0.82 -7.47
N ILE A 47 0.65 1.64 -6.57
CA ILE A 47 -0.71 1.79 -6.46
C ILE A 47 -1.30 2.61 -7.62
N ARG A 48 -0.48 3.54 -8.15
CA ARG A 48 -0.89 4.38 -9.26
C ARG A 48 -0.60 3.70 -10.57
N GLU A 49 -0.31 2.39 -10.44
CA GLU A 49 -0.30 1.36 -11.51
C GLU A 49 1.04 0.77 -11.71
N GLY A 50 1.87 0.86 -10.68
CA GLY A 50 3.10 0.16 -10.72
C GLY A 50 2.79 -1.31 -10.55
N GLY A 51 1.70 -1.58 -9.82
CA GLY A 51 1.25 -2.93 -9.73
C GLY A 51 -0.18 -3.03 -10.18
N HIS A 52 -1.06 -2.61 -9.31
CA HIS A 52 -2.49 -2.68 -9.45
C HIS A 52 -2.95 -1.55 -8.60
N ASN A 53 -4.21 -1.43 -8.38
CA ASN A 53 -4.62 -0.59 -7.29
C ASN A 53 -4.50 -1.44 -6.03
N ILE A 54 -3.32 -1.40 -5.45
CA ILE A 54 -2.96 -2.17 -4.26
C ILE A 54 -3.98 -2.17 -3.18
N LYS A 55 -4.27 -3.34 -2.76
CA LYS A 55 -4.99 -3.58 -1.61
C LYS A 55 -3.99 -4.21 -0.70
N ILE A 56 -3.71 -3.58 0.37
CA ILE A 56 -2.78 -4.15 1.22
C ILE A 56 -3.46 -5.29 1.94
N ILE A 57 -2.81 -6.39 2.05
CA ILE A 57 -3.43 -7.53 2.65
C ILE A 57 -3.54 -7.27 4.14
N ARG A 58 -2.53 -6.70 4.63
CA ARG A 58 -2.42 -6.29 5.95
C ARG A 58 -1.94 -4.89 6.06
N ASN A 59 -2.40 -4.26 7.06
CA ASN A 59 -2.29 -2.85 7.21
C ASN A 59 -1.18 -2.45 8.17
N GLY A 60 -0.27 -3.36 8.45
CA GLY A 60 0.78 -3.05 9.41
C GLY A 60 1.36 -4.29 10.10
N PRO A 61 0.53 -5.13 10.77
CA PRO A 61 1.03 -6.31 11.47
C PRO A 61 1.48 -7.43 10.53
N CYS A 62 2.73 -7.39 10.19
CA CYS A 62 3.39 -8.42 9.42
C CYS A 62 4.78 -8.59 9.97
N PRO A 1 -13.74 5.42 2.05
CA PRO A 1 -13.60 4.29 2.95
C PRO A 1 -13.73 3.01 2.18
N GLN A 2 -13.63 1.88 2.85
CA GLN A 2 -13.73 0.59 2.23
C GLN A 2 -15.17 0.33 1.80
N PHE A 3 -15.35 0.05 0.52
CA PHE A 3 -16.68 -0.31 -0.01
C PHE A 3 -16.58 -1.56 -0.83
N GLY A 4 -15.63 -1.57 -1.76
CA GLY A 4 -15.44 -2.74 -2.59
C GLY A 4 -15.68 -2.48 -4.06
N LEU A 5 -15.17 -1.37 -4.55
CA LEU A 5 -15.37 -1.02 -5.96
C LEU A 5 -14.17 -1.50 -6.80
N PHE A 6 -13.03 -0.96 -6.50
CA PHE A 6 -11.76 -1.27 -7.13
C PHE A 6 -10.81 -1.21 -6.00
N SER A 7 -10.99 -0.14 -5.25
CA SER A 7 -10.44 -0.03 -3.97
C SER A 7 -11.31 -0.93 -3.09
N LYS A 8 -10.83 -2.12 -2.88
CA LYS A 8 -11.51 -3.12 -2.13
C LYS A 8 -10.50 -3.73 -1.22
N TYR A 9 -10.97 -4.43 -0.20
CA TYR A 9 -10.15 -4.93 0.88
C TYR A 9 -9.58 -3.68 1.57
N ARG A 10 -8.49 -3.79 2.22
CA ARG A 10 -7.94 -2.68 2.84
C ARG A 10 -6.94 -2.01 1.96
N THR A 11 -7.35 -0.96 1.36
CA THR A 11 -6.50 -0.23 0.49
C THR A 11 -5.81 0.90 1.21
N PRO A 12 -4.53 1.08 0.97
CA PRO A 12 -3.79 2.15 1.55
C PRO A 12 -4.13 3.47 0.86
N ASN A 13 -4.82 4.33 1.55
CA ASN A 13 -5.16 5.63 1.01
C ASN A 13 -3.91 6.44 1.02
N CYS A 14 -3.31 6.59 -0.12
CA CYS A 14 -2.03 7.24 -0.23
C CYS A 14 -2.16 8.75 -0.15
N SER A 15 -2.52 9.22 1.00
CA SER A 15 -2.57 10.61 1.34
C SER A 15 -1.82 10.80 2.64
N GLN A 16 -1.15 9.72 3.05
CA GLN A 16 -0.47 9.64 4.34
C GLN A 16 1.02 9.65 4.13
N TYR A 17 1.34 10.21 3.03
CA TYR A 17 2.69 10.37 2.53
C TYR A 17 2.81 11.77 2.05
N ARG A 18 3.37 12.62 2.86
CA ARG A 18 3.39 14.02 2.54
C ARG A 18 4.80 14.49 2.26
N LEU A 19 5.67 13.57 1.92
CA LEU A 19 7.04 13.91 1.61
C LEU A 19 7.13 14.52 0.25
N PRO A 20 7.88 15.62 0.12
CA PRO A 20 8.12 16.24 -1.18
C PRO A 20 9.02 15.33 -2.03
N GLY A 21 9.74 14.44 -1.33
CA GLY A 21 10.55 13.45 -1.98
C GLY A 21 9.84 12.12 -1.94
N CYS A 22 10.51 11.09 -1.50
CA CYS A 22 9.88 9.80 -1.42
C CYS A 22 10.42 9.02 -0.22
N PRO A 23 9.52 8.47 0.65
CA PRO A 23 9.89 7.63 1.80
C PRO A 23 10.94 6.57 1.50
N ARG A 24 11.62 6.16 2.56
CA ARG A 24 12.72 5.21 2.49
C ARG A 24 12.30 3.80 2.05
N HIS A 25 12.07 2.92 3.02
CA HIS A 25 11.73 1.53 2.75
C HIS A 25 11.34 0.90 4.09
N PHE A 26 10.77 1.72 4.95
CA PHE A 26 10.40 1.32 6.32
C PHE A 26 9.10 0.50 6.38
N ASN A 27 8.82 -0.16 5.27
CA ASN A 27 7.56 -0.86 4.84
C ASN A 27 6.57 -1.27 5.98
N PRO A 28 5.71 -0.34 6.44
CA PRO A 28 4.60 -0.61 7.34
C PRO A 28 3.66 -1.76 6.94
N VAL A 29 3.21 -1.77 5.71
CA VAL A 29 2.06 -2.59 5.33
C VAL A 29 2.42 -3.82 4.56
N CYS A 30 1.43 -4.64 4.35
CA CYS A 30 1.61 -5.92 3.77
C CYS A 30 0.95 -6.00 2.43
N GLY A 31 1.67 -6.51 1.52
CA GLY A 31 1.27 -6.67 0.16
C GLY A 31 0.29 -7.77 -0.19
N SER A 32 -0.91 -7.39 -0.69
CA SER A 32 -1.84 -8.40 -1.23
C SER A 32 -1.34 -8.72 -2.66
N ASP A 33 -0.56 -7.78 -3.18
CA ASP A 33 0.11 -7.90 -4.49
C ASP A 33 1.43 -8.68 -4.29
N MET A 34 1.56 -9.25 -3.09
CA MET A 34 2.68 -10.07 -2.64
C MET A 34 3.98 -9.27 -2.63
N SER A 35 4.00 -8.34 -1.72
CA SER A 35 5.09 -7.39 -1.49
C SER A 35 4.79 -6.59 -0.22
N THR A 36 5.49 -6.80 0.79
CA THR A 36 5.40 -5.99 2.00
C THR A 36 6.07 -4.63 1.70
N TYR A 37 5.29 -3.57 1.85
CA TYR A 37 5.64 -2.23 1.41
C TYR A 37 5.00 -1.16 2.23
N ALA A 38 5.17 0.10 1.77
CA ALA A 38 4.39 1.31 2.18
C ALA A 38 5.22 2.53 1.98
N ASN A 39 5.23 3.01 0.78
CA ASN A 39 5.99 4.21 0.46
C ASN A 39 5.38 4.85 -0.74
N GLU A 40 5.77 6.07 -0.99
CA GLU A 40 5.29 6.84 -2.15
C GLU A 40 5.77 6.18 -3.45
N CYS A 41 6.80 5.39 -3.37
CA CYS A 41 7.38 4.83 -4.56
C CYS A 41 7.34 3.34 -4.47
N THR A 42 7.04 2.84 -3.30
CA THR A 42 6.82 1.48 -3.19
C THR A 42 5.36 1.20 -3.42
N LEU A 43 4.44 1.73 -2.55
CA LEU A 43 3.02 1.44 -2.89
C LEU A 43 2.56 2.36 -3.81
N CYS A 44 2.70 3.57 -3.52
CA CYS A 44 2.02 4.58 -4.28
C CYS A 44 2.41 4.62 -5.76
N MET A 45 3.61 4.18 -6.05
CA MET A 45 4.01 3.99 -7.40
C MET A 45 3.23 2.78 -7.91
N LYS A 46 3.35 1.65 -7.16
CA LYS A 46 2.66 0.43 -7.41
C LYS A 46 1.17 0.66 -7.53
N ILE A 47 0.64 1.46 -6.64
CA ILE A 47 -0.72 1.51 -6.49
C ILE A 47 -1.43 2.25 -7.62
N ARG A 48 -0.74 3.26 -8.15
CA ARG A 48 -1.33 4.10 -9.13
C ARG A 48 -1.45 3.32 -10.43
N GLU A 49 -0.37 2.57 -10.74
CA GLU A 49 -0.29 1.61 -11.90
C GLU A 49 1.06 0.95 -11.87
N GLY A 50 1.73 1.03 -10.75
CA GLY A 50 3.04 0.44 -10.68
C GLY A 50 2.90 -1.03 -10.66
N GLY A 51 1.77 -1.48 -10.12
CA GLY A 51 1.45 -2.83 -10.28
C GLY A 51 0.01 -3.00 -10.66
N HIS A 52 -0.83 -2.64 -9.75
CA HIS A 52 -2.22 -2.93 -9.76
C HIS A 52 -2.83 -1.88 -8.92
N ASN A 53 -4.05 -1.98 -8.62
CA ASN A 53 -4.62 -1.12 -7.61
C ASN A 53 -4.49 -1.84 -6.28
N ILE A 54 -3.32 -1.64 -5.67
CA ILE A 54 -2.92 -2.29 -4.42
C ILE A 54 -3.93 -2.18 -3.29
N LYS A 55 -4.13 -3.30 -2.68
CA LYS A 55 -4.78 -3.40 -1.45
C LYS A 55 -3.78 -4.06 -0.59
N ILE A 56 -3.63 -3.63 0.59
CA ILE A 56 -2.70 -4.23 1.41
C ILE A 56 -3.36 -5.41 2.04
N ILE A 57 -2.64 -6.44 2.29
CA ILE A 57 -3.22 -7.62 2.82
C ILE A 57 -3.36 -7.46 4.31
N ARG A 58 -2.42 -6.78 4.83
CA ARG A 58 -2.38 -6.39 6.14
C ARG A 58 -1.98 -4.97 6.27
N ASN A 59 -2.61 -4.30 7.20
CA ASN A 59 -2.46 -2.88 7.40
C ASN A 59 -1.16 -2.53 8.09
N GLY A 60 -0.43 -3.52 8.51
CA GLY A 60 0.80 -3.27 9.18
C GLY A 60 1.43 -4.54 9.71
N PRO A 61 1.00 -5.02 10.87
CA PRO A 61 1.58 -6.20 11.48
C PRO A 61 1.30 -7.48 10.68
N CYS A 62 2.36 -8.21 10.43
CA CYS A 62 2.34 -9.48 9.75
C CYS A 62 3.34 -10.37 10.45
N PRO A 1 -10.24 -10.98 9.78
CA PRO A 1 -11.20 -10.95 8.69
C PRO A 1 -11.66 -9.51 8.44
N GLN A 2 -10.76 -8.56 8.69
CA GLN A 2 -11.03 -7.14 8.54
C GLN A 2 -11.36 -6.81 7.11
N PHE A 3 -12.62 -6.41 6.90
CA PHE A 3 -13.18 -6.02 5.59
C PHE A 3 -13.19 -7.24 4.63
N GLY A 4 -13.31 -8.42 5.22
CA GLY A 4 -13.31 -9.64 4.46
C GLY A 4 -14.68 -9.95 3.88
N LEU A 5 -15.22 -9.02 3.14
CA LEU A 5 -16.54 -9.18 2.52
C LEU A 5 -16.42 -9.76 1.11
N PHE A 6 -15.17 -9.82 0.65
CA PHE A 6 -14.78 -10.39 -0.65
C PHE A 6 -15.43 -9.69 -1.85
N SER A 7 -14.74 -8.73 -2.36
CA SER A 7 -15.07 -7.97 -3.55
C SER A 7 -13.77 -7.29 -3.94
N LYS A 8 -13.24 -6.59 -2.96
CA LYS A 8 -11.94 -6.05 -2.99
C LYS A 8 -11.52 -6.04 -1.54
N TYR A 9 -10.27 -5.84 -1.29
CA TYR A 9 -9.77 -5.83 0.04
C TYR A 9 -9.61 -4.36 0.48
N ARG A 10 -8.79 -4.09 1.46
CA ARG A 10 -8.64 -2.79 1.98
C ARG A 10 -7.33 -2.25 1.48
N THR A 11 -7.38 -1.06 1.09
CA THR A 11 -6.22 -0.40 0.51
C THR A 11 -5.71 0.75 1.38
N PRO A 12 -4.37 0.84 1.51
CA PRO A 12 -3.72 1.93 2.22
C PRO A 12 -3.54 3.14 1.29
N ASN A 13 -3.97 4.27 1.74
CA ASN A 13 -3.86 5.47 0.95
C ASN A 13 -2.55 6.14 1.23
N CYS A 14 -1.57 5.87 0.41
CA CYS A 14 -0.28 6.51 0.50
C CYS A 14 -0.37 7.92 -0.13
N SER A 15 -1.59 8.32 -0.49
CA SER A 15 -1.92 9.61 -0.99
C SER A 15 -1.51 10.65 0.06
N GLN A 16 -1.69 10.28 1.31
CA GLN A 16 -1.27 11.06 2.41
C GLN A 16 -0.01 10.48 2.94
N TYR A 17 1.11 11.06 2.51
CA TYR A 17 2.53 10.82 2.88
C TYR A 17 3.36 11.47 1.83
N ARG A 18 4.41 12.14 2.21
CA ARG A 18 5.33 12.73 1.28
C ARG A 18 6.74 12.34 1.58
N LEU A 19 7.33 11.63 0.67
CA LEU A 19 8.71 11.25 0.77
C LEU A 19 9.57 12.27 0.09
N PRO A 20 10.71 12.60 0.70
CA PRO A 20 11.68 13.47 0.08
C PRO A 20 12.51 12.72 -0.97
N GLY A 21 12.23 11.43 -1.10
CA GLY A 21 12.86 10.61 -2.11
C GLY A 21 12.17 9.27 -2.21
N CYS A 22 12.86 8.26 -1.81
CA CYS A 22 12.39 6.90 -1.81
C CYS A 22 12.68 6.30 -0.44
N PRO A 23 12.11 5.15 -0.06
CA PRO A 23 12.23 4.67 1.30
C PRO A 23 13.52 3.96 1.60
N ARG A 24 13.87 4.04 2.83
CA ARG A 24 14.90 3.30 3.39
C ARG A 24 14.23 2.10 4.08
N HIS A 25 14.77 1.63 5.18
CA HIS A 25 14.22 0.42 5.79
C HIS A 25 12.93 0.63 6.59
N PHE A 26 11.84 0.66 5.86
CA PHE A 26 10.51 0.65 6.44
C PHE A 26 9.55 0.12 5.40
N ASN A 27 8.92 -0.97 5.72
CA ASN A 27 7.92 -1.59 4.89
C ASN A 27 6.76 -1.94 5.84
N PRO A 28 5.94 -0.94 6.18
CA PRO A 28 4.78 -1.08 7.09
C PRO A 28 3.73 -2.11 6.74
N VAL A 29 3.26 -2.10 5.54
CA VAL A 29 2.07 -2.85 5.19
C VAL A 29 2.37 -4.12 4.41
N CYS A 30 1.44 -5.02 4.44
CA CYS A 30 1.60 -6.30 3.88
C CYS A 30 0.92 -6.40 2.56
N GLY A 31 1.68 -6.74 1.60
CA GLY A 31 1.26 -6.88 0.24
C GLY A 31 0.23 -7.95 -0.04
N SER A 32 -0.97 -7.54 -0.47
CA SER A 32 -2.00 -8.50 -0.84
C SER A 32 -1.72 -8.96 -2.24
N ASP A 33 -1.06 -8.10 -3.01
CA ASP A 33 -0.63 -8.44 -4.35
C ASP A 33 0.79 -9.05 -4.29
N MET A 34 1.14 -9.51 -3.08
CA MET A 34 2.41 -10.19 -2.74
C MET A 34 3.62 -9.26 -2.81
N SER A 35 3.83 -8.50 -1.73
CA SER A 35 4.94 -7.53 -1.52
C SER A 35 4.71 -6.74 -0.23
N THR A 36 5.46 -6.98 0.76
CA THR A 36 5.42 -6.17 1.99
C THR A 36 6.12 -4.81 1.67
N TYR A 37 5.36 -3.74 1.83
CA TYR A 37 5.75 -2.37 1.43
C TYR A 37 5.08 -1.29 2.24
N ALA A 38 5.26 -0.01 1.79
CA ALA A 38 4.41 1.20 2.16
C ALA A 38 5.21 2.44 2.03
N ASN A 39 4.82 3.28 1.08
CA ASN A 39 5.37 4.64 0.85
C ASN A 39 5.00 5.09 -0.52
N GLU A 40 5.46 6.25 -0.94
CA GLU A 40 5.11 6.77 -2.24
C GLU A 40 5.88 6.11 -3.37
N CYS A 41 7.02 5.63 -3.04
CA CYS A 41 7.96 5.15 -4.03
C CYS A 41 7.88 3.67 -4.13
N THR A 42 7.25 3.09 -3.16
CA THR A 42 6.94 1.75 -3.23
C THR A 42 5.46 1.59 -3.51
N LEU A 43 4.52 2.13 -2.65
CA LEU A 43 3.11 1.89 -3.07
C LEU A 43 2.69 2.83 -4.05
N CYS A 44 2.72 4.08 -3.77
CA CYS A 44 2.12 5.05 -4.71
C CYS A 44 2.59 4.95 -6.16
N MET A 45 3.80 4.46 -6.37
CA MET A 45 4.21 4.11 -7.71
C MET A 45 3.37 2.94 -8.14
N LYS A 46 3.51 1.85 -7.37
CA LYS A 46 2.72 0.63 -7.51
C LYS A 46 1.22 0.90 -7.61
N ILE A 47 0.71 1.72 -6.74
CA ILE A 47 -0.67 1.77 -6.56
C ILE A 47 -1.36 2.47 -7.73
N ARG A 48 -0.71 3.52 -8.26
CA ARG A 48 -1.30 4.24 -9.36
C ARG A 48 -1.38 3.34 -10.56
N GLU A 49 -0.32 2.54 -10.74
CA GLU A 49 -0.25 1.53 -11.81
C GLU A 49 1.12 0.93 -11.87
N GLY A 50 1.85 1.04 -10.80
CA GLY A 50 3.16 0.46 -10.77
C GLY A 50 3.00 -0.99 -10.63
N GLY A 51 1.86 -1.39 -10.03
CA GLY A 51 1.56 -2.75 -10.04
C GLY A 51 0.13 -2.99 -10.40
N HIS A 52 -0.72 -2.62 -9.51
CA HIS A 52 -2.09 -2.95 -9.55
C HIS A 52 -2.71 -1.90 -8.68
N ASN A 53 -3.95 -1.99 -8.38
CA ASN A 53 -4.48 -1.19 -7.30
C ASN A 53 -4.16 -1.93 -6.02
N ILE A 54 -3.02 -1.57 -5.43
CA ILE A 54 -2.56 -2.19 -4.20
C ILE A 54 -3.56 -2.16 -3.10
N LYS A 55 -3.76 -3.31 -2.58
CA LYS A 55 -4.54 -3.55 -1.45
C LYS A 55 -3.64 -4.31 -0.55
N ILE A 56 -3.79 -4.21 0.70
CA ILE A 56 -2.91 -4.88 1.54
C ILE A 56 -3.57 -5.98 2.23
N ILE A 57 -2.81 -6.98 2.50
CA ILE A 57 -3.31 -8.16 3.10
C ILE A 57 -3.40 -7.97 4.57
N ARG A 58 -2.48 -7.24 5.06
CA ARG A 58 -2.44 -6.89 6.37
C ARG A 58 -2.15 -5.41 6.46
N ASN A 59 -2.98 -4.68 7.22
CA ASN A 59 -2.75 -3.31 7.47
C ASN A 59 -1.83 -3.22 8.63
N GLY A 60 -0.70 -2.74 8.36
CA GLY A 60 0.34 -2.66 9.33
C GLY A 60 1.19 -3.88 9.20
N PRO A 61 2.07 -4.18 10.15
CA PRO A 61 2.90 -5.36 10.09
C PRO A 61 2.05 -6.62 10.07
N CYS A 62 2.55 -7.62 9.42
CA CYS A 62 1.88 -8.89 9.34
C CYS A 62 1.89 -9.50 10.74
N PRO A 1 -11.11 -11.27 5.58
CA PRO A 1 -11.31 -9.85 5.47
C PRO A 1 -12.54 -9.47 6.28
N GLN A 2 -12.70 -8.18 6.51
CA GLN A 2 -13.81 -7.66 7.28
C GLN A 2 -15.11 -7.77 6.46
N PHE A 3 -16.24 -7.71 7.15
CA PHE A 3 -17.57 -7.79 6.56
C PHE A 3 -17.80 -9.19 6.03
N GLY A 4 -17.93 -10.09 6.97
CA GLY A 4 -18.12 -11.48 6.66
C GLY A 4 -16.80 -12.11 6.36
N LEU A 5 -16.35 -11.90 5.14
CA LEU A 5 -15.11 -12.44 4.57
C LEU A 5 -15.06 -12.15 3.07
N PHE A 6 -16.23 -11.92 2.50
CA PHE A 6 -16.38 -11.74 1.05
C PHE A 6 -16.13 -10.31 0.58
N SER A 7 -15.69 -9.46 1.46
CA SER A 7 -15.38 -8.10 1.11
C SER A 7 -13.93 -8.03 0.62
N LYS A 8 -13.63 -7.01 -0.15
CA LYS A 8 -12.30 -6.80 -0.66
C LYS A 8 -11.43 -6.21 0.43
N TYR A 9 -10.15 -6.17 0.19
CA TYR A 9 -9.22 -5.72 1.19
C TYR A 9 -9.25 -4.27 1.49
N ARG A 10 -8.49 -3.91 2.49
CA ARG A 10 -8.48 -2.61 2.90
C ARG A 10 -7.36 -1.93 2.17
N THR A 11 -7.72 -1.11 1.30
CA THR A 11 -6.81 -0.40 0.43
C THR A 11 -6.15 0.77 1.19
N PRO A 12 -4.82 0.87 1.08
CA PRO A 12 -4.06 1.95 1.71
C PRO A 12 -4.42 3.30 1.11
N ASN A 13 -4.50 4.30 1.94
CA ASN A 13 -4.80 5.64 1.47
C ASN A 13 -3.55 6.48 1.62
N CYS A 14 -2.59 6.25 0.76
CA CYS A 14 -1.33 6.94 0.83
C CYS A 14 -1.31 8.13 -0.10
N SER A 15 -2.36 8.26 -0.90
CA SER A 15 -2.46 9.36 -1.82
C SER A 15 -2.90 10.65 -1.10
N GLN A 16 -3.14 10.54 0.20
CA GLN A 16 -3.50 11.70 1.03
C GLN A 16 -2.28 12.17 1.79
N TYR A 17 -1.18 11.79 1.29
CA TYR A 17 0.12 12.08 1.83
C TYR A 17 1.04 12.51 0.75
N ARG A 18 2.09 13.21 1.11
CA ARG A 18 3.12 13.61 0.17
C ARG A 18 4.46 13.23 0.75
N LEU A 19 5.06 12.23 0.18
CA LEU A 19 6.35 11.79 0.64
C LEU A 19 7.45 12.42 -0.17
N PRO A 20 8.72 12.26 0.26
CA PRO A 20 9.86 12.51 -0.62
C PRO A 20 9.75 11.55 -1.80
N GLY A 21 9.10 10.43 -1.52
CA GLY A 21 8.79 9.46 -2.47
C GLY A 21 9.13 8.10 -2.01
N CYS A 22 10.37 7.88 -1.89
CA CYS A 22 10.91 6.55 -1.71
C CYS A 22 11.32 6.30 -0.24
N PRO A 23 11.46 5.01 0.17
CA PRO A 23 11.74 4.64 1.54
C PRO A 23 13.21 4.57 1.86
N ARG A 24 13.50 4.64 3.12
CA ARG A 24 14.84 4.43 3.58
C ARG A 24 15.06 2.90 3.50
N HIS A 25 13.97 2.15 3.83
CA HIS A 25 13.90 0.67 3.71
C HIS A 25 12.57 0.16 4.30
N PHE A 26 12.02 0.91 5.26
CA PHE A 26 10.78 0.56 5.98
C PHE A 26 9.63 0.04 5.10
N ASN A 27 9.07 -1.11 5.49
CA ASN A 27 7.92 -1.70 4.83
C ASN A 27 6.84 -2.06 5.89
N PRO A 28 6.06 -1.05 6.33
CA PRO A 28 4.93 -1.24 7.26
C PRO A 28 3.85 -2.24 6.85
N VAL A 29 3.35 -2.13 5.66
CA VAL A 29 2.15 -2.86 5.28
C VAL A 29 2.43 -4.08 4.43
N CYS A 30 1.43 -4.86 4.28
CA CYS A 30 1.56 -6.15 3.73
C CYS A 30 0.90 -6.24 2.39
N GLY A 31 1.62 -6.77 1.49
CA GLY A 31 1.19 -6.96 0.13
C GLY A 31 0.15 -8.03 -0.14
N SER A 32 -1.08 -7.63 -0.54
CA SER A 32 -2.08 -8.63 -0.98
C SER A 32 -1.85 -8.80 -2.47
N ASP A 33 -1.11 -7.86 -3.03
CA ASP A 33 -0.71 -7.83 -4.41
C ASP A 33 0.76 -8.25 -4.53
N MET A 34 1.19 -9.06 -3.57
CA MET A 34 2.54 -9.67 -3.52
C MET A 34 3.70 -8.66 -3.44
N SER A 35 3.87 -8.11 -2.22
CA SER A 35 5.00 -7.21 -1.78
C SER A 35 4.72 -6.62 -0.40
N THR A 36 5.50 -6.90 0.56
CA THR A 36 5.44 -6.16 1.82
C THR A 36 6.07 -4.75 1.54
N TYR A 37 5.31 -3.72 1.81
CA TYR A 37 5.62 -2.36 1.40
C TYR A 37 5.04 -1.30 2.31
N ALA A 38 5.16 -0.03 1.88
CA ALA A 38 4.45 1.19 2.40
C ALA A 38 5.32 2.40 2.19
N ASN A 39 5.00 3.14 1.14
CA ASN A 39 5.60 4.44 0.82
C ASN A 39 5.18 4.82 -0.55
N GLU A 40 5.64 5.96 -1.01
CA GLU A 40 5.17 6.52 -2.26
C GLU A 40 5.93 5.91 -3.46
N CYS A 41 6.87 5.04 -3.17
CA CYS A 41 7.60 4.33 -4.21
C CYS A 41 7.32 2.87 -4.10
N THR A 42 6.90 2.42 -2.94
CA THR A 42 6.48 1.08 -2.86
C THR A 42 5.02 0.99 -3.13
N LEU A 43 4.15 1.65 -2.33
CA LEU A 43 2.73 1.48 -2.69
C LEU A 43 2.32 2.43 -3.59
N CYS A 44 2.52 3.62 -3.29
CA CYS A 44 1.87 4.63 -4.07
C CYS A 44 2.38 4.68 -5.51
N MET A 45 3.60 4.25 -5.70
CA MET A 45 4.10 4.01 -7.03
C MET A 45 3.30 2.83 -7.59
N LYS A 46 3.33 1.68 -6.87
CA LYS A 46 2.57 0.49 -7.18
C LYS A 46 1.11 0.79 -7.40
N ILE A 47 0.53 1.57 -6.54
CA ILE A 47 -0.82 1.62 -6.46
C ILE A 47 -1.44 2.35 -7.64
N ARG A 48 -0.74 3.40 -8.09
CA ARG A 48 -1.20 4.20 -9.21
C ARG A 48 -1.12 3.37 -10.46
N GLU A 49 -0.05 2.57 -10.57
CA GLU A 49 0.14 1.60 -11.69
C GLU A 49 1.52 1.01 -11.63
N GLY A 50 2.11 1.06 -10.47
CA GLY A 50 3.40 0.46 -10.33
C GLY A 50 3.21 -1.00 -10.33
N GLY A 51 2.05 -1.42 -9.80
CA GLY A 51 1.74 -2.79 -9.91
C GLY A 51 0.33 -3.03 -10.39
N HIS A 52 -0.59 -2.70 -9.55
CA HIS A 52 -1.94 -3.13 -9.67
C HIS A 52 -2.70 -2.11 -8.87
N ASN A 53 -3.95 -2.29 -8.65
CA ASN A 53 -4.62 -1.52 -7.63
C ASN A 53 -4.37 -2.21 -6.31
N ILE A 54 -3.33 -1.79 -5.62
CA ILE A 54 -2.93 -2.39 -4.36
C ILE A 54 -3.98 -2.39 -3.31
N LYS A 55 -4.12 -3.54 -2.73
CA LYS A 55 -4.86 -3.72 -1.59
C LYS A 55 -3.86 -4.36 -0.68
N ILE A 56 -3.59 -3.78 0.44
CA ILE A 56 -2.66 -4.40 1.28
C ILE A 56 -3.37 -5.55 1.96
N ILE A 57 -2.68 -6.63 2.18
CA ILE A 57 -3.30 -7.77 2.80
C ILE A 57 -3.47 -7.46 4.24
N ARG A 58 -2.48 -6.83 4.75
CA ARG A 58 -2.48 -6.36 6.06
C ARG A 58 -2.13 -4.94 6.23
N ASN A 59 -2.98 -4.29 6.98
CA ASN A 59 -2.91 -2.90 7.22
C ASN A 59 -2.08 -2.65 8.47
N GLY A 60 -0.82 -2.78 8.27
CA GLY A 60 0.12 -2.64 9.33
C GLY A 60 1.11 -3.76 9.22
N PRO A 61 2.05 -3.88 10.16
CA PRO A 61 3.11 -4.87 10.08
C PRO A 61 2.65 -6.29 10.34
N CYS A 62 2.88 -7.15 9.39
CA CYS A 62 2.67 -8.57 9.59
C CYS A 62 3.89 -9.10 10.32
#